data_3HFQ
#
_entry.id   3HFQ
#
_cell.length_a   78.543
_cell.length_b   54.029
_cell.length_c   79.584
_cell.angle_alpha   90.000
_cell.angle_beta   104.180
_cell.angle_gamma   90.000
#
_symmetry.space_group_name_H-M   'P 1 21 1'
#
loop_
_entity.id
_entity.type
_entity.pdbx_description
1 polymer 'uncharacterized protein lp_2219'
2 non-polymer 'PHOSPHATE ION'
3 water water
#
_entity_poly.entity_id   1
_entity_poly.type   'polypeptide(L)'
_entity_poly.pdbx_seq_one_letter_code
;(MSE)QERILFGTYTKKTSQGIYQGTLDTTAKTLTNDGLLAATQNPTYLALSAKDCLYSVDKEDDEGGIAAWQIDGQTAH
KLNTVVAPGTPPAYVAVDEARQLVYSANYHKGTAEV(MSE)KIAADGALTLTDTVQHSGHGPRPEQDGSHIHYTDLTPDN
RLAVIDLGSDKVYVYNVSDAGQLSEQSVLT(MSE)EAGFGPRHLVFSPDGQYAFLAGELSSQIASLKYDTQTGAFTQLGI
VKTIPADYTAHNGAAAIRLSHDGHFLYVSNRGYNTLAVFAVTADGHLTLIQQISTEGDFPRDFDLDPTEAFVVVVNQNTD
NATLYARDLTSGKLSLLQKDVTVPEGVCVRFLEHHHHHH
;
_entity_poly.pdbx_strand_id   A,B
#
# COMPACT_ATOMS: atom_id res chain seq x y z
N GLN A 2 -8.26 13.89 0.55
CA GLN A 2 -7.95 14.12 1.97
C GLN A 2 -9.18 13.81 2.82
N GLU A 3 -8.98 12.99 3.85
CA GLU A 3 -10.07 12.64 4.76
C GLU A 3 -9.71 13.02 6.18
N ARG A 4 -10.59 13.79 6.81
CA ARG A 4 -10.40 14.28 8.17
C ARG A 4 -10.72 13.21 9.21
N ILE A 5 -9.88 13.17 10.25
CA ILE A 5 -10.05 12.20 11.33
C ILE A 5 -9.92 12.92 12.68
N LEU A 6 -10.73 12.51 13.64
CA LEU A 6 -10.68 13.09 14.98
C LEU A 6 -10.17 12.01 15.93
N PHE A 7 -9.32 12.41 16.88
CA PHE A 7 -8.74 11.48 17.84
C PHE A 7 -9.15 11.80 19.27
N GLY A 8 -9.74 10.82 19.94
CA GLY A 8 -10.13 10.99 21.33
C GLY A 8 -8.94 10.51 22.15
N THR A 9 -8.79 11.01 23.36
CA THR A 9 -7.64 10.63 24.19
C THR A 9 -7.94 10.71 25.68
N TYR A 10 -6.94 10.30 26.44
CA TYR A 10 -6.95 10.39 27.90
C TYR A 10 -6.04 11.60 28.04
N THR A 11 -6.13 12.33 29.14
CA THR A 11 -5.27 13.49 29.33
C THR A 11 -4.61 13.39 30.69
N LYS A 12 -3.93 12.28 30.92
CA LYS A 12 -3.26 12.02 32.19
C LYS A 12 -1.75 12.26 32.12
N LYS A 13 -1.20 12.40 30.92
CA LYS A 13 0.23 12.61 30.76
C LYS A 13 0.61 13.82 29.91
N THR A 14 0.40 13.74 28.60
CA THR A 14 0.78 14.84 27.73
C THR A 14 -0.32 15.38 26.80
N SER A 15 -1.39 14.61 26.63
CA SER A 15 -2.48 15.04 25.75
C SER A 15 -3.21 16.27 26.28
N GLN A 16 -3.66 17.14 25.38
CA GLN A 16 -4.38 18.34 25.77
C GLN A 16 -5.86 18.27 25.38
N GLY A 17 -6.27 17.13 24.83
CA GLY A 17 -7.67 16.98 24.46
C GLY A 17 -7.94 16.21 23.17
N ILE A 18 -8.80 16.77 22.33
CA ILE A 18 -9.16 16.16 21.07
C ILE A 18 -8.27 16.65 19.94
N TYR A 19 -7.65 15.71 19.22
CA TYR A 19 -6.78 16.07 18.11
C TYR A 19 -7.46 15.78 16.77
N GLN A 20 -6.88 16.30 15.71
CA GLN A 20 -7.44 16.08 14.38
C GLN A 20 -6.31 15.85 13.38
N GLY A 21 -6.58 15.00 12.40
CA GLY A 21 -5.58 14.68 11.41
C GLY A 21 -6.17 14.50 10.04
N THR A 22 -5.32 14.09 9.11
CA THR A 22 -5.74 13.88 7.73
C THR A 22 -5.17 12.59 7.18
N LEU A 23 -6.00 11.85 6.46
CA LEU A 23 -5.56 10.62 5.80
C LEU A 23 -5.55 10.98 4.31
N ASP A 24 -4.37 10.95 3.71
CA ASP A 24 -4.22 11.26 2.29
C ASP A 24 -4.25 9.92 1.55
N THR A 25 -5.34 9.66 0.84
CA THR A 25 -5.56 8.40 0.10
C THR A 25 -4.59 8.14 -1.06
N THR A 26 -4.01 9.21 -1.62
CA THR A 26 -3.08 9.05 -2.72
C THR A 26 -1.62 8.93 -2.24
N ALA A 27 -1.20 9.83 -1.35
CA ALA A 27 0.15 9.82 -0.81
C ALA A 27 0.35 8.68 0.15
N LYS A 28 -0.76 8.21 0.66
CA LYS A 28 -0.78 7.08 1.55
C LYS A 28 -0.21 7.45 2.92
N THR A 29 -0.59 8.62 3.40
CA THR A 29 -0.07 9.15 4.65
C THR A 29 -1.16 9.47 5.67
N LEU A 30 -0.74 9.58 6.93
CA LEU A 30 -1.61 9.90 8.04
C LEU A 30 -0.87 10.95 8.87
N THR A 31 -1.55 12.05 9.17
CA THR A 31 -0.94 13.12 9.97
C THR A 31 -1.81 13.47 11.17
N ASN A 32 -1.20 14.10 12.17
CA ASN A 32 -1.92 14.59 13.33
C ASN A 32 -1.67 16.08 13.14
N ASP A 33 -2.68 16.78 12.60
CA ASP A 33 -2.56 18.20 12.33
C ASP A 33 -2.56 19.10 13.55
N GLY A 34 -2.98 18.57 14.69
CA GLY A 34 -2.98 19.37 15.89
C GLY A 34 -4.23 19.25 16.74
N LEU A 35 -4.22 19.98 17.85
CA LEU A 35 -5.32 19.97 18.80
C LEU A 35 -6.55 20.70 18.24
N LEU A 36 -7.70 20.05 18.32
CA LEU A 36 -8.95 20.64 17.84
C LEU A 36 -9.68 21.27 19.02
N ALA A 37 -9.67 20.59 20.16
CA ALA A 37 -10.36 21.11 21.34
C ALA A 37 -9.64 20.75 22.63
N ALA A 38 -9.33 21.78 23.44
CA ALA A 38 -8.68 21.57 24.72
C ALA A 38 -9.77 21.13 25.68
N THR A 39 -9.64 19.91 26.21
CA THR A 39 -10.62 19.36 27.13
C THR A 39 -10.00 18.19 27.89
N GLN A 40 -10.66 17.74 28.96
CA GLN A 40 -10.12 16.65 29.76
C GLN A 40 -10.76 15.28 29.53
N ASN A 41 -9.92 14.27 29.36
CA ASN A 41 -10.31 12.88 29.15
C ASN A 41 -11.42 12.61 28.12
N PRO A 42 -11.26 13.13 26.89
CA PRO A 42 -12.26 12.90 25.84
C PRO A 42 -11.98 11.54 25.22
N THR A 43 -12.19 10.48 26.01
CA THR A 43 -11.91 9.11 25.58
C THR A 43 -12.80 8.51 24.50
N TYR A 44 -13.93 9.13 24.22
CA TYR A 44 -14.80 8.64 23.14
C TYR A 44 -15.51 9.83 22.51
N LEU A 45 -15.74 9.74 21.20
CA LEU A 45 -16.36 10.81 20.44
C LEU A 45 -17.52 10.34 19.56
N ALA A 46 -18.46 11.24 19.31
CA ALA A 46 -19.62 10.98 18.46
C ALA A 46 -19.93 12.25 17.67
N LEU A 47 -20.33 12.09 16.42
CA LEU A 47 -20.65 13.22 15.55
C LEU A 47 -22.08 13.20 15.06
N SER A 48 -22.66 14.39 14.88
CA SER A 48 -24.02 14.50 14.36
C SER A 48 -23.94 14.96 12.91
N ALA A 49 -25.06 14.90 12.21
CA ALA A 49 -25.11 15.31 10.80
C ALA A 49 -24.95 16.82 10.66
N LYS A 50 -25.11 17.56 11.75
CA LYS A 50 -24.97 19.01 11.74
C LYS A 50 -23.54 19.39 12.11
N ASP A 51 -22.66 18.41 12.09
CA ASP A 51 -21.25 18.57 12.43
C ASP A 51 -21.01 19.00 13.87
N CYS A 52 -21.86 18.53 14.77
CA CYS A 52 -21.67 18.81 16.18
C CYS A 52 -20.90 17.61 16.72
N LEU A 53 -19.98 17.87 17.64
CA LEU A 53 -19.17 16.83 18.23
C LEU A 53 -19.54 16.66 19.69
N TYR A 54 -19.68 15.41 20.12
CA TYR A 54 -20.02 15.11 21.50
C TYR A 54 -18.89 14.24 22.04
N SER A 55 -18.32 14.67 23.16
CA SER A 55 -17.18 13.96 23.74
C SER A 55 -17.30 13.68 25.22
N VAL A 56 -16.67 12.58 25.63
CA VAL A 56 -16.61 12.21 27.03
C VAL A 56 -15.92 13.42 27.66
N ASP A 57 -16.33 13.80 28.86
CA ASP A 57 -15.76 14.98 29.48
C ASP A 57 -15.58 14.87 30.99
N LYS A 58 -14.46 15.39 31.47
CA LYS A 58 -14.16 15.38 32.90
C LYS A 58 -13.96 16.81 33.34
N GLU A 59 -14.73 17.21 34.34
CA GLU A 59 -14.65 18.56 34.87
C GLU A 59 -14.48 18.35 36.37
N ASP A 60 -13.21 18.20 36.78
CA ASP A 60 -12.86 17.98 38.18
C ASP A 60 -13.40 16.64 38.68
N ASP A 61 -14.16 16.72 39.77
CA ASP A 61 -14.76 15.55 40.37
C ASP A 61 -16.11 15.26 39.73
N GLU A 62 -16.36 15.86 38.57
CA GLU A 62 -17.59 15.62 37.84
C GLU A 62 -17.25 15.11 36.45
N GLY A 63 -18.16 14.36 35.86
CA GLY A 63 -17.93 13.81 34.54
C GLY A 63 -19.21 13.74 33.74
N GLY A 64 -19.09 13.74 32.42
CA GLY A 64 -20.27 13.68 31.59
C GLY A 64 -19.93 13.84 30.12
N ILE A 65 -20.74 14.61 29.41
CA ILE A 65 -20.56 14.84 27.98
C ILE A 65 -20.47 16.32 27.63
N ALA A 66 -19.55 16.64 26.72
CA ALA A 66 -19.37 18.02 26.26
C ALA A 66 -19.86 18.10 24.82
N ALA A 67 -20.52 19.20 24.48
CA ALA A 67 -21.04 19.42 23.14
C ALA A 67 -20.26 20.53 22.44
N TRP A 68 -19.86 20.27 21.20
CA TRP A 68 -19.12 21.25 20.42
C TRP A 68 -19.69 21.38 19.01
N GLN A 69 -19.55 22.56 18.42
CA GLN A 69 -19.98 22.77 17.04
C GLN A 69 -18.69 22.87 16.25
N ILE A 70 -18.53 22.00 15.26
CA ILE A 70 -17.33 22.03 14.43
C ILE A 70 -17.54 23.07 13.34
N ASP A 71 -16.53 23.91 13.12
CA ASP A 71 -16.58 24.95 12.10
C ASP A 71 -15.23 24.96 11.41
N GLY A 72 -15.15 24.33 10.25
CA GLY A 72 -13.88 24.25 9.55
C GLY A 72 -12.95 23.39 10.39
N GLN A 73 -11.71 23.85 10.56
CA GLN A 73 -10.72 23.12 11.36
C GLN A 73 -10.72 23.58 12.82
N THR A 74 -11.85 24.12 13.27
CA THR A 74 -11.95 24.59 14.65
C THR A 74 -13.22 24.04 15.31
N ALA A 75 -13.28 24.14 16.64
CA ALA A 75 -14.42 23.66 17.41
C ALA A 75 -14.86 24.72 18.41
N HIS A 76 -16.17 24.91 18.53
CA HIS A 76 -16.72 25.89 19.47
C HIS A 76 -17.54 25.15 20.51
N LYS A 77 -17.24 25.38 21.79
CA LYS A 77 -17.97 24.73 22.87
C LYS A 77 -19.38 25.26 22.98
N LEU A 78 -20.35 24.35 23.10
CA LEU A 78 -21.74 24.75 23.22
C LEU A 78 -22.13 24.69 24.70
N ASN A 79 -21.94 23.52 25.32
CA ASN A 79 -22.25 23.35 26.73
C ASN A 79 -21.80 21.97 27.17
N THR A 80 -21.99 21.66 28.44
CA THR A 80 -21.63 20.34 28.95
C THR A 80 -22.71 19.90 29.92
N VAL A 81 -22.85 18.59 30.08
CA VAL A 81 -23.81 18.01 31.00
C VAL A 81 -22.98 17.06 31.85
N VAL A 82 -22.68 17.48 33.08
CA VAL A 82 -21.87 16.67 33.96
C VAL A 82 -22.55 16.44 35.30
N ALA A 83 -22.05 15.45 36.04
CA ALA A 83 -22.59 15.12 37.35
C ALA A 83 -21.48 14.56 38.21
N PRO A 84 -21.60 14.68 39.54
CA PRO A 84 -20.57 14.15 40.41
C PRO A 84 -20.26 12.69 40.08
N GLY A 85 -18.97 12.37 39.99
CA GLY A 85 -18.58 11.03 39.66
C GLY A 85 -17.65 10.96 38.47
N THR A 86 -17.39 9.74 38.01
CA THR A 86 -16.49 9.51 36.88
C THR A 86 -17.11 9.85 35.54
N PRO A 87 -16.26 10.14 34.54
CA PRO A 87 -16.74 10.47 33.19
C PRO A 87 -17.20 9.17 32.55
N PRO A 88 -18.05 9.25 31.51
CA PRO A 88 -18.53 8.04 30.83
C PRO A 88 -17.45 7.38 29.97
N ALA A 89 -17.81 6.31 29.27
CA ALA A 89 -16.85 5.58 28.44
C ALA A 89 -17.26 5.43 26.98
N TYR A 90 -18.50 5.75 26.66
CA TYR A 90 -19.01 5.65 25.30
C TYR A 90 -20.06 6.74 25.09
N VAL A 91 -20.19 7.19 23.85
CA VAL A 91 -21.18 8.22 23.51
C VAL A 91 -21.62 8.01 22.06
N ALA A 92 -22.92 8.17 21.80
CA ALA A 92 -23.46 7.99 20.46
C ALA A 92 -24.60 8.98 20.19
N VAL A 93 -24.87 9.22 18.90
CA VAL A 93 -25.93 10.14 18.51
C VAL A 93 -27.10 9.44 17.80
N ASP A 94 -28.32 9.84 18.17
CA ASP A 94 -29.54 9.30 17.58
C ASP A 94 -30.06 10.46 16.71
N GLU A 95 -29.81 10.39 15.40
CA GLU A 95 -30.23 11.46 14.50
C GLU A 95 -31.74 11.69 14.46
N ALA A 96 -32.49 10.62 14.24
CA ALA A 96 -33.96 10.72 14.14
C ALA A 96 -34.63 11.31 15.38
N ARG A 97 -34.23 10.84 16.57
CA ARG A 97 -34.82 11.32 17.82
C ARG A 97 -34.11 12.56 18.39
N GLN A 98 -32.96 12.91 17.84
CA GLN A 98 -32.18 14.04 18.33
C GLN A 98 -31.82 13.85 19.80
N LEU A 99 -31.21 12.71 20.09
CA LEU A 99 -30.78 12.36 21.44
C LEU A 99 -29.32 11.92 21.41
N VAL A 100 -28.66 11.99 22.56
CA VAL A 100 -27.28 11.54 22.69
C VAL A 100 -27.27 10.51 23.82
N TYR A 101 -26.64 9.37 23.58
CA TYR A 101 -26.56 8.30 24.57
C TYR A 101 -25.13 8.17 25.08
N SER A 102 -24.98 7.83 26.37
CA SER A 102 -23.66 7.63 26.92
C SER A 102 -23.68 6.46 27.90
N ALA A 103 -22.53 5.80 28.03
CA ALA A 103 -22.38 4.65 28.92
C ALA A 103 -21.33 4.97 29.98
N ASN A 104 -21.62 4.68 31.24
CA ASN A 104 -20.66 4.96 32.29
C ASN A 104 -20.18 3.67 32.94
N TYR A 105 -18.90 3.38 32.77
CA TYR A 105 -18.28 2.18 33.30
C TYR A 105 -18.34 2.03 34.81
N HIS A 106 -17.75 2.99 35.51
CA HIS A 106 -17.70 2.96 36.96
C HIS A 106 -19.04 3.06 37.66
N LYS A 107 -19.95 3.88 37.14
CA LYS A 107 -21.27 4.06 37.76
C LYS A 107 -22.27 2.95 37.39
N GLY A 108 -22.04 2.28 36.27
CA GLY A 108 -22.94 1.22 35.84
C GLY A 108 -24.24 1.80 35.31
N THR A 109 -24.13 2.91 34.59
CA THR A 109 -25.30 3.59 34.06
C THR A 109 -25.31 3.83 32.57
N ALA A 110 -26.53 4.04 32.06
CA ALA A 110 -26.76 4.37 30.67
C ALA A 110 -27.53 5.68 30.81
N GLU A 111 -27.07 6.71 30.13
CA GLU A 111 -27.73 8.01 30.21
C GLU A 111 -28.24 8.48 28.86
N VAL A 112 -29.28 9.31 28.90
CA VAL A 112 -29.88 9.85 27.68
C VAL A 112 -29.98 11.36 27.82
N LYS A 114 -31.07 15.09 25.48
CA LYS A 114 -31.74 15.57 24.28
C LYS A 114 -30.95 16.71 23.66
N ILE A 115 -30.93 16.75 22.33
CA ILE A 115 -30.19 17.78 21.60
C ILE A 115 -31.07 18.99 21.29
N ALA A 116 -30.63 20.18 21.70
CA ALA A 116 -31.37 21.40 21.45
C ALA A 116 -31.12 21.83 20.00
N ALA A 117 -31.84 22.86 19.56
CA ALA A 117 -31.72 23.36 18.20
C ALA A 117 -30.30 23.75 17.80
N ASP A 118 -29.50 24.21 18.77
CA ASP A 118 -28.13 24.62 18.45
C ASP A 118 -27.09 23.55 18.75
N GLY A 119 -27.54 22.35 19.11
CA GLY A 119 -26.61 21.27 19.39
C GLY A 119 -26.35 21.01 20.86
N ALA A 120 -26.70 21.96 21.72
CA ALA A 120 -26.49 21.84 23.15
C ALA A 120 -27.30 20.67 23.73
N LEU A 121 -26.85 20.14 24.87
CA LEU A 121 -27.51 19.00 25.50
C LEU A 121 -28.21 19.26 26.83
N THR A 122 -29.18 18.40 27.14
CA THR A 122 -29.92 18.44 28.39
C THR A 122 -30.20 17.00 28.82
N LEU A 123 -29.85 16.68 30.07
CA LEU A 123 -30.05 15.33 30.60
C LEU A 123 -31.54 15.01 30.73
N THR A 124 -31.91 13.78 30.33
CA THR A 124 -33.30 13.36 30.42
C THR A 124 -33.49 12.09 31.24
N ASP A 125 -32.52 11.17 31.18
CA ASP A 125 -32.67 9.91 31.90
C ASP A 125 -31.33 9.25 32.26
N THR A 126 -31.31 8.59 33.41
CA THR A 126 -30.12 7.88 33.89
C THR A 126 -30.61 6.52 34.39
N VAL A 127 -30.27 5.47 33.66
CA VAL A 127 -30.67 4.12 34.03
C VAL A 127 -29.57 3.44 34.82
N GLN A 128 -29.90 2.99 36.03
CA GLN A 128 -28.94 2.33 36.90
C GLN A 128 -29.02 0.82 36.81
N HIS A 129 -27.87 0.17 36.62
CA HIS A 129 -27.83 -1.28 36.54
C HIS A 129 -27.08 -1.85 37.75
N SER A 130 -27.22 -3.16 37.96
CA SER A 130 -26.55 -3.83 39.06
C SER A 130 -26.14 -5.22 38.60
N GLY A 131 -25.28 -5.86 39.37
CA GLY A 131 -24.82 -7.19 39.00
C GLY A 131 -23.32 -7.27 39.08
N HIS A 132 -22.77 -8.45 38.87
CA HIS A 132 -21.33 -8.65 38.92
C HIS A 132 -20.95 -9.93 38.19
N GLY A 133 -19.66 -10.23 38.15
CA GLY A 133 -19.19 -11.43 37.47
C GLY A 133 -18.09 -12.13 38.25
N PRO A 134 -17.58 -13.26 37.73
CA PRO A 134 -16.51 -14.05 38.37
C PRO A 134 -15.11 -13.42 38.32
N ARG A 135 -14.83 -12.66 37.27
CA ARG A 135 -13.52 -12.03 37.11
C ARG A 135 -13.31 -10.80 38.00
N PRO A 136 -12.05 -10.52 38.37
CA PRO A 136 -11.70 -9.38 39.22
C PRO A 136 -12.23 -8.04 38.70
N GLU A 137 -12.29 -7.92 37.37
CA GLU A 137 -12.77 -6.70 36.75
C GLU A 137 -14.28 -6.55 36.86
N GLN A 138 -14.95 -7.63 37.22
CA GLN A 138 -16.41 -7.61 37.31
C GLN A 138 -16.96 -7.47 38.73
N ASP A 139 -16.45 -6.48 39.46
CA ASP A 139 -16.88 -6.23 40.83
C ASP A 139 -18.27 -5.62 40.92
N GLY A 140 -18.72 -5.02 39.82
CA GLY A 140 -20.04 -4.41 39.80
C GLY A 140 -20.48 -4.14 38.38
N SER A 141 -21.59 -3.45 38.20
CA SER A 141 -22.09 -3.15 36.85
C SER A 141 -21.15 -2.18 36.16
N HIS A 142 -20.82 -2.47 34.91
CA HIS A 142 -19.93 -1.64 34.11
C HIS A 142 -20.48 -1.52 32.69
N ILE A 143 -21.24 -0.46 32.43
CA ILE A 143 -21.82 -0.25 31.10
C ILE A 143 -20.74 0.29 30.18
N HIS A 144 -20.60 -0.29 28.99
CA HIS A 144 -19.54 0.14 28.08
C HIS A 144 -20.00 0.46 26.66
N TYR A 145 -21.29 0.33 26.40
CA TYR A 145 -21.80 0.58 25.06
C TYR A 145 -23.29 0.89 25.10
N THR A 146 -23.68 1.94 24.38
CA THR A 146 -25.07 2.36 24.29
C THR A 146 -25.29 2.87 22.87
N ASP A 147 -25.78 2.01 21.98
CA ASP A 147 -26.01 2.44 20.61
C ASP A 147 -27.24 1.77 20.01
N LEU A 148 -27.72 2.33 18.90
CA LEU A 148 -28.93 1.85 18.22
C LEU A 148 -28.89 0.50 17.50
N THR A 149 -30.02 -0.20 17.55
CA THR A 149 -30.17 -1.48 16.86
C THR A 149 -30.77 -1.15 15.50
N PRO A 150 -30.84 -2.14 14.60
CA PRO A 150 -31.41 -1.92 13.26
C PRO A 150 -32.81 -1.32 13.28
N ASP A 151 -33.61 -1.68 14.28
CA ASP A 151 -34.98 -1.17 14.37
C ASP A 151 -35.10 -0.04 15.39
N ASN A 152 -33.97 0.61 15.64
CA ASN A 152 -33.88 1.77 16.51
C ASN A 152 -34.17 1.61 18.00
N ARG A 153 -33.91 0.42 18.53
CA ARG A 153 -34.05 0.21 19.96
C ARG A 153 -32.62 0.49 20.41
N LEU A 154 -32.33 0.42 21.71
CA LEU A 154 -30.98 0.71 22.17
C LEU A 154 -30.32 -0.49 22.83
N ALA A 155 -29.19 -0.90 22.29
CA ALA A 155 -28.44 -2.02 22.84
C ALA A 155 -27.49 -1.44 23.88
N VAL A 156 -27.55 -1.99 25.10
CA VAL A 156 -26.72 -1.53 26.20
C VAL A 156 -25.95 -2.73 26.75
N ILE A 157 -24.62 -2.64 26.73
CA ILE A 157 -23.77 -3.73 27.18
C ILE A 157 -23.15 -3.55 28.56
N ASP A 158 -23.34 -4.55 29.42
CA ASP A 158 -22.79 -4.50 30.78
C ASP A 158 -21.64 -5.50 30.88
N LEU A 159 -20.43 -4.99 30.86
CA LEU A 159 -19.24 -5.84 30.96
C LEU A 159 -19.15 -6.48 32.33
N GLY A 160 -19.58 -5.76 33.35
CA GLY A 160 -19.52 -6.25 34.71
C GLY A 160 -20.43 -7.43 35.05
N SER A 161 -21.61 -7.47 34.45
CA SER A 161 -22.56 -8.55 34.74
C SER A 161 -22.77 -9.54 33.60
N ASP A 162 -21.98 -9.42 32.53
CA ASP A 162 -22.08 -10.32 31.38
C ASP A 162 -23.46 -10.30 30.73
N LYS A 163 -24.01 -9.10 30.54
CA LYS A 163 -25.33 -8.99 29.92
C LYS A 163 -25.42 -7.95 28.83
N VAL A 164 -26.29 -8.21 27.86
CA VAL A 164 -26.52 -7.28 26.77
C VAL A 164 -28.01 -6.97 26.83
N TYR A 165 -28.32 -5.73 27.19
CA TYR A 165 -29.70 -5.29 27.29
C TYR A 165 -30.15 -4.61 26.00
N VAL A 166 -31.44 -4.68 25.74
CA VAL A 166 -32.03 -4.01 24.60
C VAL A 166 -33.16 -3.19 25.23
N TYR A 167 -33.14 -1.89 25.00
CA TYR A 167 -34.14 -0.96 25.54
C TYR A 167 -34.91 -0.25 24.45
N ASN A 168 -36.19 0.02 24.71
CA ASN A 168 -37.00 0.79 23.78
C ASN A 168 -36.76 2.22 24.21
N VAL A 169 -36.78 3.16 23.27
CA VAL A 169 -36.53 4.55 23.59
C VAL A 169 -37.75 5.41 23.27
N SER A 170 -38.12 6.29 24.20
CA SER A 170 -39.26 7.17 23.98
C SER A 170 -38.77 8.47 23.35
N ASP A 171 -39.68 9.23 22.76
CA ASP A 171 -39.31 10.50 22.12
C ASP A 171 -38.74 11.48 23.14
N ALA A 172 -39.29 11.44 24.36
CA ALA A 172 -38.87 12.32 25.43
C ALA A 172 -37.47 12.00 25.96
N GLY A 173 -36.95 10.83 25.60
CA GLY A 173 -35.61 10.47 26.03
C GLY A 173 -35.48 9.54 27.23
N GLN A 174 -36.35 8.55 27.34
CA GLN A 174 -36.26 7.58 28.44
C GLN A 174 -36.15 6.18 27.87
N LEU A 175 -35.56 5.27 28.64
CA LEU A 175 -35.39 3.90 28.22
C LEU A 175 -36.32 2.98 29.00
N SER A 176 -36.73 1.88 28.38
CA SER A 176 -37.59 0.89 29.02
C SER A 176 -37.15 -0.46 28.45
N GLU A 177 -36.83 -1.40 29.35
CA GLU A 177 -36.33 -2.71 28.93
C GLU A 177 -37.22 -3.53 28.00
N GLN A 178 -36.57 -4.20 27.05
CA GLN A 178 -37.24 -5.06 26.07
C GLN A 178 -36.73 -6.50 26.22
N SER A 179 -35.42 -6.64 26.40
CA SER A 179 -34.83 -7.97 26.54
C SER A 179 -33.44 -7.89 27.16
N VAL A 180 -32.95 -9.04 27.61
CA VAL A 180 -31.62 -9.11 28.20
C VAL A 180 -30.98 -10.45 27.88
N LEU A 181 -29.83 -10.40 27.22
CA LEU A 181 -29.09 -11.59 26.86
C LEU A 181 -28.00 -11.78 27.90
N THR A 182 -27.93 -12.97 28.48
CA THR A 182 -26.91 -13.26 29.47
C THR A 182 -25.83 -14.13 28.85
N GLU A 184 -22.04 -16.29 28.99
CA GLU A 184 -21.35 -17.18 29.90
C GLU A 184 -20.52 -16.34 30.88
N ALA A 185 -20.52 -16.74 32.15
CA ALA A 185 -19.80 -16.00 33.18
C ALA A 185 -18.33 -15.73 32.81
N GLY A 186 -17.93 -14.47 32.89
CA GLY A 186 -16.56 -14.11 32.57
C GLY A 186 -16.30 -13.69 31.14
N PHE A 187 -17.35 -13.69 30.32
CA PHE A 187 -17.22 -13.30 28.92
C PHE A 187 -16.76 -11.85 28.84
N GLY A 188 -17.33 -11.00 29.68
CA GLY A 188 -16.95 -9.59 29.70
C GLY A 188 -17.28 -8.85 28.41
N PRO A 189 -18.55 -8.82 27.99
CA PRO A 189 -18.97 -8.14 26.75
C PRO A 189 -18.66 -6.65 26.81
N ARG A 190 -18.19 -6.09 25.69
CA ARG A 190 -17.81 -4.68 25.67
C ARG A 190 -18.53 -3.86 24.60
N HIS A 191 -18.27 -4.18 23.34
CA HIS A 191 -18.88 -3.48 22.20
C HIS A 191 -19.46 -4.50 21.23
N LEU A 192 -20.34 -4.03 20.35
CA LEU A 192 -20.94 -4.90 19.33
C LEU A 192 -21.16 -4.07 18.07
N VAL A 193 -21.47 -4.75 16.97
CA VAL A 193 -21.72 -4.10 15.69
C VAL A 193 -22.71 -4.97 14.93
N PHE A 194 -23.69 -4.34 14.29
CA PHE A 194 -24.71 -5.07 13.53
C PHE A 194 -24.34 -5.20 12.06
N SER A 195 -24.86 -6.25 11.44
CA SER A 195 -24.64 -6.52 10.02
C SER A 195 -25.50 -5.54 9.23
N PRO A 196 -25.14 -5.29 7.96
CA PRO A 196 -25.89 -4.37 7.10
C PRO A 196 -27.38 -4.66 6.98
N ASP A 197 -27.76 -5.94 6.96
CA ASP A 197 -29.18 -6.29 6.86
C ASP A 197 -29.87 -6.33 8.22
N GLY A 198 -29.12 -6.03 9.27
CA GLY A 198 -29.67 -6.00 10.61
C GLY A 198 -30.06 -7.32 11.24
N GLN A 199 -29.73 -8.43 10.59
CA GLN A 199 -30.09 -9.75 11.09
C GLN A 199 -29.08 -10.32 12.10
N TYR A 200 -27.84 -9.87 12.04
CA TYR A 200 -26.80 -10.36 12.93
C TYR A 200 -26.02 -9.27 13.65
N ALA A 201 -25.46 -9.62 14.80
CA ALA A 201 -24.66 -8.69 15.58
C ALA A 201 -23.43 -9.48 16.03
N PHE A 202 -22.30 -8.80 16.13
CA PHE A 202 -21.07 -9.44 16.56
C PHE A 202 -20.63 -8.73 17.81
N LEU A 203 -20.53 -9.49 18.89
CA LEU A 203 -20.20 -8.95 20.21
C LEU A 203 -18.78 -9.27 20.66
N ALA A 204 -18.04 -8.22 21.02
CA ALA A 204 -16.67 -8.42 21.47
C ALA A 204 -16.64 -8.68 22.98
N GLY A 205 -15.94 -9.75 23.36
CA GLY A 205 -15.81 -10.11 24.75
C GLY A 205 -14.42 -9.68 25.19
N GLU A 206 -14.34 -8.55 25.88
CA GLU A 206 -13.07 -8.01 26.32
C GLU A 206 -12.25 -8.95 27.19
N LEU A 207 -12.84 -9.38 28.30
CA LEU A 207 -12.16 -10.23 29.28
C LEU A 207 -11.78 -11.64 28.83
N SER A 208 -12.54 -12.20 27.90
CA SER A 208 -12.27 -13.57 27.42
C SER A 208 -11.61 -13.60 26.05
N SER A 209 -11.38 -12.42 25.47
CA SER A 209 -10.76 -12.34 24.14
C SER A 209 -11.52 -13.23 23.17
N GLN A 210 -12.82 -13.00 23.06
CA GLN A 210 -13.68 -13.77 22.17
C GLN A 210 -14.68 -12.89 21.45
N ILE A 211 -15.31 -13.43 20.41
CA ILE A 211 -16.35 -12.72 19.69
C ILE A 211 -17.53 -13.68 19.61
N ALA A 212 -18.71 -13.19 19.97
CA ALA A 212 -19.91 -14.00 19.91
C ALA A 212 -20.74 -13.53 18.72
N SER A 213 -21.17 -14.47 17.87
CA SER A 213 -22.03 -14.11 16.75
C SER A 213 -23.44 -14.24 17.31
N LEU A 214 -24.28 -13.25 17.06
CA LEU A 214 -25.66 -13.26 17.56
C LEU A 214 -26.65 -13.01 16.43
N LYS A 215 -27.82 -13.64 16.54
CA LYS A 215 -28.88 -13.44 15.58
C LYS A 215 -29.84 -12.46 16.27
N TYR A 216 -30.23 -11.40 15.58
CA TYR A 216 -31.14 -10.43 16.16
C TYR A 216 -32.49 -10.48 15.44
N ASP A 217 -33.56 -10.43 16.21
CA ASP A 217 -34.92 -10.46 15.65
C ASP A 217 -35.63 -9.15 15.98
N THR A 218 -35.94 -8.36 14.95
CA THR A 218 -36.62 -7.09 15.18
C THR A 218 -38.00 -7.27 15.80
N GLN A 219 -38.64 -8.42 15.54
CA GLN A 219 -39.97 -8.66 16.09
C GLN A 219 -39.96 -8.81 17.61
N THR A 220 -38.90 -9.42 18.15
CA THR A 220 -38.80 -9.62 19.59
C THR A 220 -37.82 -8.64 20.24
N GLY A 221 -36.99 -7.99 19.43
CA GLY A 221 -36.02 -7.07 19.97
C GLY A 221 -35.06 -7.85 20.86
N ALA A 222 -34.82 -9.12 20.50
CA ALA A 222 -33.95 -9.97 21.28
C ALA A 222 -32.90 -10.71 20.44
N PHE A 223 -31.93 -11.30 21.13
CA PHE A 223 -30.83 -12.02 20.51
C PHE A 223 -30.83 -13.52 20.82
N THR A 224 -30.07 -14.25 20.01
CA THR A 224 -29.85 -15.68 20.16
C THR A 224 -28.37 -15.87 19.85
N GLN A 225 -27.61 -16.43 20.79
CA GLN A 225 -26.19 -16.63 20.56
C GLN A 225 -25.99 -17.76 19.55
N LEU A 226 -25.18 -17.51 18.52
CA LEU A 226 -24.93 -18.51 17.48
C LEU A 226 -23.65 -19.31 17.63
N GLY A 227 -22.55 -18.61 17.91
CA GLY A 227 -21.26 -19.27 18.06
C GLY A 227 -20.24 -18.33 18.67
N ILE A 228 -19.07 -18.85 19.02
CA ILE A 228 -18.02 -18.03 19.61
C ILE A 228 -16.65 -18.40 19.03
N VAL A 229 -15.82 -17.38 18.80
CA VAL A 229 -14.47 -17.61 18.27
C VAL A 229 -13.48 -16.82 19.12
N LYS A 230 -12.21 -17.23 19.13
CA LYS A 230 -11.18 -16.53 19.90
C LYS A 230 -10.58 -15.42 19.04
N THR A 231 -10.10 -14.35 19.68
CA THR A 231 -9.54 -13.23 18.94
C THR A 231 -8.01 -13.23 18.96
N ILE A 232 -7.42 -14.22 19.64
CA ILE A 232 -5.97 -14.35 19.75
C ILE A 232 -5.59 -15.84 19.70
N PRO A 233 -4.29 -16.14 19.52
CA PRO A 233 -3.84 -17.53 19.47
C PRO A 233 -4.26 -18.31 20.71
N ALA A 234 -4.53 -19.60 20.52
CA ALA A 234 -4.97 -20.46 21.61
C ALA A 234 -3.92 -20.59 22.71
N ASP A 235 -2.64 -20.44 22.35
CA ASP A 235 -1.58 -20.56 23.35
C ASP A 235 -1.09 -19.26 23.97
N TYR A 236 -1.65 -18.12 23.56
CA TYR A 236 -1.23 -16.85 24.14
C TYR A 236 -1.92 -16.68 25.49
N THR A 237 -1.16 -16.92 26.55
CA THR A 237 -1.68 -16.86 27.92
C THR A 237 -1.51 -15.54 28.68
N ALA A 238 -0.75 -14.60 28.11
CA ALA A 238 -0.54 -13.31 28.76
C ALA A 238 -1.81 -12.47 28.71
N HIS A 239 -1.80 -11.32 29.39
CA HIS A 239 -2.95 -10.43 29.42
C HIS A 239 -3.40 -9.96 28.05
N ASN A 240 -4.71 -10.00 27.82
CA ASN A 240 -5.28 -9.51 26.58
C ASN A 240 -6.71 -9.11 26.81
N GLY A 241 -7.05 -7.94 26.30
CA GLY A 241 -8.40 -7.43 26.43
C GLY A 241 -8.85 -6.96 25.07
N ALA A 242 -9.84 -7.62 24.48
CA ALA A 242 -10.34 -7.20 23.18
C ALA A 242 -10.98 -5.83 23.41
N ALA A 243 -11.03 -4.98 22.39
CA ALA A 243 -11.59 -3.65 22.57
C ALA A 243 -12.64 -3.22 21.55
N ALA A 244 -12.18 -2.66 20.44
CA ALA A 244 -13.08 -2.19 19.39
C ALA A 244 -13.42 -3.27 18.38
N ILE A 245 -14.58 -3.15 17.77
CA ILE A 245 -15.02 -4.12 16.77
C ILE A 245 -15.72 -3.36 15.63
N ARG A 246 -15.33 -3.66 14.39
CA ARG A 246 -15.89 -3.00 13.22
C ARG A 246 -16.25 -3.98 12.12
N LEU A 247 -17.21 -3.59 11.28
CA LEU A 247 -17.64 -4.45 10.19
C LEU A 247 -17.63 -3.64 8.89
N SER A 248 -17.11 -4.22 7.81
CA SER A 248 -17.06 -3.53 6.54
C SER A 248 -18.48 -3.23 6.08
N HIS A 249 -18.64 -2.21 5.23
CA HIS A 249 -19.94 -1.80 4.73
C HIS A 249 -20.69 -2.93 4.03
N ASP A 250 -19.96 -3.79 3.33
CA ASP A 250 -20.59 -4.91 2.63
C ASP A 250 -20.91 -6.06 3.57
N GLY A 251 -20.46 -5.94 4.82
CA GLY A 251 -20.72 -6.96 5.82
C GLY A 251 -19.90 -8.24 5.69
N HIS A 252 -18.89 -8.22 4.83
CA HIS A 252 -18.07 -9.40 4.58
C HIS A 252 -16.89 -9.60 5.52
N PHE A 253 -16.40 -8.53 6.13
CA PHE A 253 -15.25 -8.64 7.01
C PHE A 253 -15.42 -7.97 8.37
N LEU A 254 -15.04 -8.70 9.42
CA LEU A 254 -15.13 -8.23 10.79
C LEU A 254 -13.72 -7.98 11.33
N TYR A 255 -13.56 -6.88 12.07
CA TYR A 255 -12.27 -6.54 12.64
C TYR A 255 -12.37 -6.30 14.14
N VAL A 256 -11.37 -6.71 14.90
CA VAL A 256 -11.36 -6.48 16.34
C VAL A 256 -9.94 -6.17 16.80
N SER A 257 -9.80 -5.27 17.78
CA SER A 257 -8.47 -4.93 18.28
C SER A 257 -8.18 -5.66 19.58
N ASN A 258 -6.92 -6.04 19.77
CA ASN A 258 -6.48 -6.75 20.96
C ASN A 258 -5.45 -5.95 21.75
N ARG A 259 -5.76 -5.66 23.01
CA ARG A 259 -4.84 -4.93 23.88
C ARG A 259 -4.03 -5.95 24.68
N GLY A 260 -2.74 -6.04 24.36
CA GLY A 260 -1.88 -7.00 25.02
C GLY A 260 -1.14 -7.72 23.90
N TYR A 261 -1.89 -8.47 23.10
CA TYR A 261 -1.30 -9.17 21.96
C TYR A 261 -1.02 -8.09 20.92
N ASN A 262 -1.69 -6.95 21.11
CA ASN A 262 -1.55 -5.77 20.26
C ASN A 262 -1.66 -6.01 18.75
N THR A 263 -2.83 -6.47 18.31
CA THR A 263 -3.07 -6.70 16.90
C THR A 263 -4.50 -6.37 16.55
N LEU A 264 -4.78 -6.44 15.26
CA LEU A 264 -6.13 -6.29 14.75
C LEU A 264 -6.33 -7.68 14.17
N ALA A 265 -7.40 -8.34 14.54
CA ALA A 265 -7.68 -9.68 14.02
C ALA A 265 -8.78 -9.51 13.00
N VAL A 266 -8.59 -10.09 11.82
CA VAL A 266 -9.55 -9.98 10.74
C VAL A 266 -10.29 -11.28 10.53
N PHE A 267 -11.62 -11.21 10.45
CA PHE A 267 -12.46 -12.38 10.25
C PHE A 267 -13.33 -12.22 9.01
N ALA A 268 -13.50 -13.32 8.29
CA ALA A 268 -14.35 -13.32 7.12
C ALA A 268 -15.72 -13.76 7.65
N VAL A 269 -16.77 -13.01 7.30
CA VAL A 269 -18.11 -13.36 7.74
C VAL A 269 -18.76 -14.18 6.64
N THR A 270 -19.20 -15.38 6.98
CA THR A 270 -19.84 -16.23 5.99
C THR A 270 -21.28 -16.53 6.37
N ALA A 271 -21.81 -17.65 5.87
CA ALA A 271 -23.19 -18.02 6.13
C ALA A 271 -23.65 -17.99 7.59
N ASP A 272 -24.86 -17.51 7.79
CA ASP A 272 -25.48 -17.44 9.11
C ASP A 272 -24.60 -16.91 10.24
N GLY A 273 -23.92 -15.79 9.98
CA GLY A 273 -23.08 -15.16 10.98
C GLY A 273 -21.80 -15.86 11.38
N HIS A 274 -21.38 -16.89 10.65
CA HIS A 274 -20.15 -17.59 11.02
C HIS A 274 -18.91 -16.76 10.73
N LEU A 275 -17.90 -16.91 11.59
CA LEU A 275 -16.65 -16.18 11.46
C LEU A 275 -15.43 -17.09 11.26
N THR A 276 -14.50 -16.63 10.44
CA THR A 276 -13.27 -17.34 10.14
C THR A 276 -12.09 -16.38 10.22
N LEU A 277 -11.16 -16.65 11.13
CA LEU A 277 -9.98 -15.79 11.29
C LEU A 277 -9.09 -15.91 10.06
N ILE A 278 -8.79 -14.78 9.42
CA ILE A 278 -7.95 -14.82 8.24
C ILE A 278 -6.66 -14.02 8.37
N GLN A 279 -6.55 -13.21 9.43
CA GLN A 279 -5.34 -12.41 9.64
C GLN A 279 -5.20 -11.80 11.03
N GLN A 280 -3.95 -11.73 11.49
CA GLN A 280 -3.58 -11.13 12.76
C GLN A 280 -2.44 -10.19 12.39
N ILE A 281 -2.64 -8.89 12.56
CA ILE A 281 -1.59 -7.92 12.20
C ILE A 281 -1.30 -6.94 13.33
N SER A 282 -0.02 -6.77 13.63
CA SER A 282 0.40 -5.88 14.70
C SER A 282 -0.10 -4.46 14.48
N THR A 283 -0.41 -3.77 15.58
CA THR A 283 -0.87 -2.38 15.50
C THR A 283 0.33 -1.43 15.62
N GLU A 284 1.53 -2.01 15.70
CA GLU A 284 2.77 -1.24 15.81
C GLU A 284 2.78 -0.29 17.01
N GLY A 285 2.25 -0.77 18.13
CA GLY A 285 2.21 0.04 19.34
C GLY A 285 1.60 -0.79 20.45
N ASP A 286 1.43 -0.19 21.62
CA ASP A 286 0.87 -0.91 22.75
C ASP A 286 -0.54 -0.44 23.11
N PHE A 287 -1.43 -1.41 23.30
CA PHE A 287 -2.82 -1.18 23.66
C PHE A 287 -3.71 -0.43 22.67
N PRO A 288 -4.06 -1.08 21.56
CA PRO A 288 -4.92 -0.49 20.52
C PRO A 288 -6.38 -0.52 20.98
N ARG A 289 -6.80 0.54 21.67
CA ARG A 289 -8.16 0.64 22.21
C ARG A 289 -9.23 0.96 21.17
N ASP A 290 -8.84 1.56 20.05
CA ASP A 290 -9.82 1.87 19.01
C ASP A 290 -9.16 1.96 17.63
N PHE A 291 -9.98 1.80 16.61
CA PHE A 291 -9.54 1.87 15.22
C PHE A 291 -10.81 1.92 14.38
N ASP A 292 -10.67 2.20 13.10
CA ASP A 292 -11.82 2.20 12.21
C ASP A 292 -11.38 2.25 10.76
N LEU A 293 -12.25 1.81 9.86
CA LEU A 293 -11.98 1.85 8.44
C LEU A 293 -12.29 3.28 8.04
N ASP A 294 -11.65 3.78 7.00
CA ASP A 294 -11.92 5.14 6.55
C ASP A 294 -13.20 5.06 5.72
N PRO A 295 -13.78 6.21 5.32
CA PRO A 295 -15.00 6.22 4.52
C PRO A 295 -14.94 5.42 3.22
N THR A 296 -13.79 5.42 2.56
CA THR A 296 -13.66 4.68 1.30
C THR A 296 -13.49 3.19 1.59
N GLU A 297 -13.09 2.88 2.83
CA GLU A 297 -12.86 1.52 3.29
C GLU A 297 -11.65 0.88 2.64
N ALA A 298 -10.76 1.71 2.10
CA ALA A 298 -9.53 1.22 1.48
C ALA A 298 -8.39 1.37 2.47
N PHE A 299 -8.70 1.88 3.65
CA PHE A 299 -7.72 2.08 4.70
C PHE A 299 -8.28 1.82 6.10
N VAL A 300 -7.38 1.62 7.05
CA VAL A 300 -7.75 1.42 8.45
C VAL A 300 -6.74 2.21 9.27
N VAL A 301 -7.23 2.92 10.28
CA VAL A 301 -6.37 3.69 11.17
C VAL A 301 -6.61 3.18 12.58
N VAL A 302 -5.53 2.89 13.29
CA VAL A 302 -5.63 2.41 14.66
C VAL A 302 -4.78 3.31 15.55
N VAL A 303 -5.18 3.50 16.79
CA VAL A 303 -4.41 4.31 17.72
C VAL A 303 -4.01 3.44 18.90
N ASN A 304 -2.78 3.61 19.36
CA ASN A 304 -2.25 2.85 20.49
C ASN A 304 -2.15 3.76 21.70
N GLN A 305 -2.88 3.39 22.74
CA GLN A 305 -2.96 4.14 23.99
C GLN A 305 -1.66 4.38 24.76
N ASN A 306 -0.90 3.32 24.99
CA ASN A 306 0.33 3.44 25.77
C ASN A 306 1.59 3.93 25.08
N THR A 307 1.64 3.86 23.75
CA THR A 307 2.83 4.30 23.03
C THR A 307 2.63 5.62 22.26
N ASP A 308 1.46 6.22 22.45
CA ASP A 308 1.16 7.50 21.82
C ASP A 308 1.36 7.54 20.30
N ASN A 309 0.97 6.47 19.61
CA ASN A 309 1.13 6.47 18.16
C ASN A 309 -0.04 5.85 17.42
N ALA A 310 -0.25 6.32 16.19
CA ALA A 310 -1.32 5.83 15.34
C ALA A 310 -0.65 5.10 14.18
N THR A 311 -1.38 4.15 13.60
CA THR A 311 -0.85 3.37 12.49
C THR A 311 -1.85 3.35 11.34
N LEU A 312 -1.33 3.46 10.12
CA LEU A 312 -2.17 3.45 8.92
C LEU A 312 -1.95 2.18 8.12
N TYR A 313 -3.05 1.54 7.73
CA TYR A 313 -2.99 0.32 6.92
C TYR A 313 -3.75 0.52 5.62
N ALA A 314 -3.36 -0.24 4.62
CA ALA A 314 -4.06 -0.23 3.36
C ALA A 314 -4.95 -1.46 3.55
N ARG A 315 -6.16 -1.43 3.02
CA ARG A 315 -7.08 -2.56 3.15
C ARG A 315 -7.56 -3.00 1.77
N ASP A 316 -7.39 -4.29 1.45
CA ASP A 316 -7.83 -4.82 0.17
C ASP A 316 -9.35 -4.92 0.21
N LEU A 317 -10.01 -4.30 -0.77
CA LEU A 317 -11.47 -4.28 -0.84
C LEU A 317 -12.15 -5.63 -1.07
N THR A 318 -11.44 -6.58 -1.68
CA THR A 318 -12.04 -7.88 -1.94
C THR A 318 -11.64 -8.95 -0.95
N SER A 319 -10.39 -8.91 -0.48
CA SER A 319 -9.90 -9.90 0.48
C SER A 319 -10.08 -9.48 1.93
N GLY A 320 -10.22 -8.17 2.15
CA GLY A 320 -10.38 -7.65 3.49
C GLY A 320 -9.11 -7.59 4.31
N LYS A 321 -8.01 -8.13 3.78
CA LYS A 321 -6.76 -8.14 4.52
C LYS A 321 -6.06 -6.78 4.57
N LEU A 322 -5.20 -6.61 5.57
CA LEU A 322 -4.49 -5.36 5.77
C LEU A 322 -2.98 -5.46 5.59
N SER A 323 -2.35 -4.33 5.30
CA SER A 323 -0.90 -4.27 5.15
C SER A 323 -0.44 -2.89 5.62
N LEU A 324 0.64 -2.88 6.38
CA LEU A 324 1.20 -1.63 6.93
C LEU A 324 1.60 -0.61 5.90
N LEU A 325 1.26 0.65 6.15
CA LEU A 325 1.63 1.76 5.27
C LEU A 325 2.48 2.75 6.03
N GLN A 326 2.04 3.13 7.22
CA GLN A 326 2.79 4.08 8.03
C GLN A 326 2.53 3.85 9.51
N LYS A 327 3.57 4.03 10.31
CA LYS A 327 3.46 3.86 11.76
C LYS A 327 4.12 5.03 12.47
N ASP A 328 4.00 5.03 13.78
CA ASP A 328 4.59 6.05 14.62
C ASP A 328 4.13 7.48 14.37
N VAL A 329 2.86 7.65 14.03
CA VAL A 329 2.30 8.99 13.85
C VAL A 329 1.90 9.37 15.28
N THR A 330 2.47 10.44 15.80
CA THR A 330 2.19 10.82 17.17
C THR A 330 0.79 11.38 17.49
N VAL A 331 0.11 10.68 18.39
CA VAL A 331 -1.21 11.05 18.88
C VAL A 331 -1.12 10.69 20.36
N PRO A 332 -0.96 11.70 21.23
CA PRO A 332 -0.85 11.44 22.66
C PRO A 332 -2.03 10.77 23.35
N GLU A 333 -1.75 9.65 24.00
CA GLU A 333 -2.76 8.89 24.75
C GLU A 333 -4.02 8.60 23.94
N GLY A 334 -3.86 8.35 22.64
CA GLY A 334 -5.00 8.08 21.78
C GLY A 334 -5.82 6.85 22.11
N VAL A 335 -7.14 7.02 22.19
CA VAL A 335 -8.05 5.91 22.51
C VAL A 335 -9.37 5.91 21.71
N CYS A 336 -9.50 6.81 20.76
CA CYS A 336 -10.71 6.87 19.94
C CYS A 336 -10.41 7.41 18.56
N VAL A 337 -10.92 6.73 17.54
CA VAL A 337 -10.71 7.13 16.15
C VAL A 337 -12.08 7.48 15.57
N ARG A 338 -12.23 8.74 15.17
CA ARG A 338 -13.49 9.19 14.63
C ARG A 338 -13.35 9.88 13.29
N PHE A 339 -13.61 9.15 12.21
CA PHE A 339 -13.52 9.76 10.88
C PHE A 339 -14.72 10.65 10.67
N LEU A 340 -14.57 11.72 9.91
CA LEU A 340 -15.72 12.54 9.56
C LEU A 340 -16.34 11.59 8.51
N GLU A 341 -17.66 11.61 8.37
CA GLU A 341 -18.29 10.66 7.46
C GLU A 341 -19.05 11.27 6.30
N GLN B 2 7.70 -14.79 -1.69
CA GLN B 2 8.89 -13.96 -1.80
C GLN B 2 9.54 -14.07 -3.17
N GLU B 3 9.42 -13.01 -3.96
CA GLU B 3 9.98 -12.96 -5.29
C GLU B 3 11.34 -12.26 -5.22
N ARG B 4 12.39 -12.96 -5.68
CA ARG B 4 13.74 -12.41 -5.64
C ARG B 4 14.02 -11.42 -6.76
N ILE B 5 14.82 -10.42 -6.45
CA ILE B 5 15.19 -9.38 -7.40
C ILE B 5 16.68 -9.09 -7.30
N LEU B 6 17.28 -8.71 -8.42
CA LEU B 6 18.69 -8.34 -8.44
C LEU B 6 18.74 -6.88 -8.88
N PHE B 7 19.64 -6.11 -8.28
CA PHE B 7 19.75 -4.70 -8.65
C PHE B 7 21.12 -4.35 -9.22
N GLY B 8 21.12 -3.76 -10.41
CA GLY B 8 22.36 -3.33 -11.03
C GLY B 8 22.62 -1.91 -10.54
N THR B 9 23.88 -1.49 -10.49
CA THR B 9 24.19 -0.15 -10.00
C THR B 9 25.45 0.45 -10.62
N TYR B 10 25.74 1.68 -10.21
CA TYR B 10 26.96 2.36 -10.60
C TYR B 10 27.72 2.19 -9.29
N THR B 11 29.04 2.20 -9.31
CA THR B 11 29.79 2.04 -8.08
C THR B 11 30.74 3.22 -7.91
N LYS B 12 30.19 4.42 -8.03
CA LYS B 12 30.97 5.65 -7.93
C LYS B 12 30.93 6.30 -6.55
N LYS B 13 29.96 5.93 -5.73
CA LYS B 13 29.84 6.52 -4.39
C LYS B 13 29.82 5.52 -3.24
N THR B 14 28.70 4.84 -3.02
CA THR B 14 28.60 3.88 -1.93
C THR B 14 28.31 2.44 -2.35
N SER B 15 27.88 2.24 -3.59
CA SER B 15 27.57 0.90 -4.07
C SER B 15 28.84 0.06 -4.25
N GLN B 16 28.72 -1.22 -3.93
CA GLN B 16 29.85 -2.15 -4.05
C GLN B 16 29.66 -3.17 -5.18
N GLY B 17 28.51 -3.11 -5.85
CA GLY B 17 28.28 -4.05 -6.94
C GLY B 17 26.82 -4.37 -7.22
N ILE B 18 26.52 -5.66 -7.34
CA ILE B 18 25.17 -6.12 -7.61
C ILE B 18 24.49 -6.54 -6.30
N TYR B 19 23.30 -6.01 -6.05
CA TYR B 19 22.57 -6.33 -4.84
C TYR B 19 21.39 -7.25 -5.12
N GLN B 20 20.93 -7.93 -4.07
CA GLN B 20 19.81 -8.83 -4.22
C GLN B 20 18.72 -8.39 -3.26
N GLY B 21 17.47 -8.49 -3.69
CA GLY B 21 16.36 -8.08 -2.86
C GLY B 21 15.21 -9.05 -2.93
N THR B 22 14.15 -8.73 -2.19
CA THR B 22 12.97 -9.58 -2.14
C THR B 22 11.68 -8.78 -2.09
N LEU B 23 10.75 -9.13 -2.96
CA LEU B 23 9.44 -8.50 -2.99
C LEU B 23 8.53 -9.51 -2.31
N ASP B 24 8.03 -9.16 -1.13
CA ASP B 24 7.14 -10.03 -0.37
C ASP B 24 5.73 -9.63 -0.75
N THR B 25 5.07 -10.46 -1.56
CA THR B 25 3.73 -10.17 -2.04
C THR B 25 2.65 -10.24 -0.94
N THR B 26 3.00 -10.86 0.18
CA THR B 26 2.06 -10.99 1.29
C THR B 26 2.16 -9.80 2.23
N ALA B 27 3.38 -9.46 2.64
CA ALA B 27 3.60 -8.33 3.53
C ALA B 27 3.56 -7.05 2.72
N LYS B 28 3.68 -7.19 1.40
CA LYS B 28 3.69 -6.05 0.50
C LYS B 28 4.84 -5.11 0.88
N THR B 29 6.04 -5.69 0.92
CA THR B 29 7.26 -4.97 1.25
C THR B 29 8.36 -5.28 0.26
N LEU B 30 9.32 -4.38 0.16
CA LEU B 30 10.47 -4.53 -0.72
C LEU B 30 11.68 -4.43 0.19
N THR B 31 12.59 -5.40 0.10
CA THR B 31 13.77 -5.41 0.94
C THR B 31 15.06 -5.62 0.13
N ASN B 32 16.13 -4.93 0.53
CA ASN B 32 17.43 -5.08 -0.10
C ASN B 32 18.14 -6.03 0.86
N ASP B 33 18.32 -7.29 0.43
CA ASP B 33 18.94 -8.28 1.29
C ASP B 33 20.47 -8.20 1.37
N GLY B 34 21.09 -7.39 0.53
CA GLY B 34 22.54 -7.27 0.59
C GLY B 34 23.28 -7.50 -0.72
N LEU B 35 24.60 -7.37 -0.66
CA LEU B 35 25.47 -7.53 -1.83
C LEU B 35 25.52 -8.97 -2.34
N LEU B 36 25.29 -9.15 -3.63
CA LEU B 36 25.36 -10.48 -4.24
C LEU B 36 26.75 -10.69 -4.82
N ALA B 37 27.29 -9.64 -5.44
CA ALA B 37 28.61 -9.72 -6.03
C ALA B 37 29.32 -8.38 -6.05
N ALA B 38 30.57 -8.35 -5.59
CA ALA B 38 31.35 -7.14 -5.62
C ALA B 38 31.89 -7.03 -7.04
N THR B 39 31.55 -5.94 -7.73
CA THR B 39 32.00 -5.75 -9.09
C THR B 39 31.85 -4.27 -9.45
N GLN B 40 32.57 -3.84 -10.48
CA GLN B 40 32.58 -2.44 -10.90
C GLN B 40 31.48 -2.03 -11.87
N ASN B 41 30.76 -0.97 -11.51
CA ASN B 41 29.68 -0.40 -12.31
C ASN B 41 28.81 -1.36 -13.13
N PRO B 42 28.16 -2.33 -12.47
CA PRO B 42 27.30 -3.30 -13.16
C PRO B 42 25.95 -2.63 -13.45
N THR B 43 25.93 -1.74 -14.43
CA THR B 43 24.72 -0.98 -14.77
C THR B 43 23.56 -1.74 -15.41
N TYR B 44 23.81 -2.94 -15.93
CA TYR B 44 22.72 -3.73 -16.50
C TYR B 44 22.98 -5.21 -16.27
N LEU B 45 21.90 -5.96 -16.07
CA LEU B 45 21.97 -7.38 -15.79
C LEU B 45 21.06 -8.22 -16.68
N ALA B 46 21.45 -9.47 -16.90
CA ALA B 46 20.66 -10.41 -17.69
C ALA B 46 20.80 -11.78 -17.03
N LEU B 47 19.74 -12.58 -17.05
CA LEU B 47 19.75 -13.90 -16.42
C LEU B 47 19.40 -15.02 -17.39
N SER B 48 20.00 -16.19 -17.18
CA SER B 48 19.71 -17.34 -18.00
C SER B 48 18.85 -18.29 -17.16
N ALA B 49 18.26 -19.29 -17.80
CA ALA B 49 17.41 -20.25 -17.11
C ALA B 49 18.20 -21.14 -16.13
N LYS B 50 19.51 -21.25 -16.35
CA LYS B 50 20.35 -22.06 -15.48
C LYS B 50 20.86 -21.23 -14.30
N ASP B 51 20.22 -20.08 -14.11
CA ASP B 51 20.56 -19.16 -13.05
C ASP B 51 21.94 -18.55 -13.14
N CYS B 52 22.40 -18.31 -14.37
CA CYS B 52 23.69 -17.67 -14.57
C CYS B 52 23.39 -16.19 -14.76
N LEU B 53 24.27 -15.35 -14.23
CA LEU B 53 24.10 -13.91 -14.33
C LEU B 53 25.14 -13.31 -15.26
N TYR B 54 24.72 -12.36 -16.07
CA TYR B 54 25.61 -11.69 -17.00
C TYR B 54 25.46 -10.21 -16.73
N SER B 55 26.57 -9.58 -16.35
CA SER B 55 26.55 -8.16 -15.99
C SER B 55 27.54 -7.29 -16.72
N VAL B 56 27.18 -6.01 -16.85
CA VAL B 56 28.04 -5.01 -17.46
C VAL B 56 29.25 -5.02 -16.54
N ASP B 57 30.45 -4.95 -17.10
CA ASP B 57 31.63 -5.05 -16.27
C ASP B 57 32.81 -4.23 -16.75
N LYS B 58 33.72 -3.93 -15.83
CA LYS B 58 34.91 -3.14 -16.11
C LYS B 58 36.05 -3.77 -15.34
N GLU B 59 37.04 -4.25 -16.09
CA GLU B 59 38.23 -4.88 -15.52
C GLU B 59 39.36 -3.99 -16.00
N ASP B 60 39.93 -3.27 -15.04
CA ASP B 60 41.00 -2.35 -15.34
C ASP B 60 40.38 -1.35 -16.32
N ASP B 61 41.15 -1.11 -17.35
CA ASP B 61 40.88 -0.19 -18.42
C ASP B 61 40.07 -0.83 -19.54
N GLU B 62 39.58 -2.05 -19.34
CA GLU B 62 38.80 -2.69 -20.38
C GLU B 62 37.39 -2.90 -19.88
N GLY B 63 36.42 -2.81 -20.79
CA GLY B 63 35.03 -3.00 -20.41
C GLY B 63 34.44 -4.19 -21.12
N GLY B 64 33.37 -4.75 -20.57
CA GLY B 64 32.75 -5.90 -21.19
C GLY B 64 31.65 -6.53 -20.38
N ILE B 65 31.60 -7.87 -20.41
CA ILE B 65 30.57 -8.62 -19.69
C ILE B 65 31.18 -9.67 -18.77
N ALA B 66 30.67 -9.74 -17.55
CA ALA B 66 31.12 -10.72 -16.58
C ALA B 66 30.05 -11.79 -16.44
N ALA B 67 30.48 -13.04 -16.35
CA ALA B 67 29.55 -14.15 -16.22
C ALA B 67 29.65 -14.75 -14.82
N TRP B 68 28.50 -14.97 -14.19
CA TRP B 68 28.47 -15.53 -12.84
C TRP B 68 27.42 -16.64 -12.72
N GLN B 69 27.67 -17.58 -11.82
CA GLN B 69 26.72 -18.64 -11.56
C GLN B 69 26.13 -18.32 -10.19
N ILE B 70 24.84 -18.04 -10.14
CA ILE B 70 24.20 -17.72 -8.88
C ILE B 70 24.03 -19.00 -8.06
N ASP B 71 24.34 -18.90 -6.78
CA ASP B 71 24.23 -20.03 -5.87
C ASP B 71 23.79 -19.49 -4.51
N GLY B 72 22.50 -19.57 -4.24
CA GLY B 72 21.98 -19.05 -2.99
C GLY B 72 22.09 -17.54 -2.98
N GLN B 73 22.69 -16.97 -1.94
CA GLN B 73 22.82 -15.52 -1.89
C GLN B 73 24.19 -15.02 -2.35
N THR B 74 24.85 -15.81 -3.19
CA THR B 74 26.14 -15.40 -3.72
C THR B 74 26.25 -15.81 -5.20
N ALA B 75 27.22 -15.23 -5.89
CA ALA B 75 27.44 -15.53 -7.29
C ALA B 75 28.91 -15.88 -7.50
N HIS B 76 29.17 -17.01 -8.13
CA HIS B 76 30.53 -17.46 -8.39
C HIS B 76 30.94 -16.92 -9.76
N LYS B 77 32.02 -16.16 -9.81
CA LYS B 77 32.49 -15.61 -11.07
C LYS B 77 32.99 -16.74 -11.95
N LEU B 78 32.55 -16.75 -13.21
CA LEU B 78 32.96 -17.79 -14.15
C LEU B 78 34.09 -17.26 -15.03
N ASN B 79 33.85 -16.11 -15.66
CA ASN B 79 34.86 -15.49 -16.52
C ASN B 79 34.32 -14.16 -17.02
N THR B 80 35.16 -13.44 -17.77
CA THR B 80 34.75 -12.15 -18.33
C THR B 80 35.22 -12.07 -19.78
N VAL B 81 34.53 -11.26 -20.56
CA VAL B 81 34.90 -11.02 -21.95
C VAL B 81 34.95 -9.50 -22.05
N VAL B 82 36.15 -8.96 -22.03
CA VAL B 82 36.33 -7.52 -22.09
C VAL B 82 37.32 -7.12 -23.17
N ALA B 83 37.34 -5.84 -23.48
CA ALA B 83 38.24 -5.29 -24.49
C ALA B 83 38.56 -3.85 -24.11
N PRO B 84 39.69 -3.32 -24.62
CA PRO B 84 40.05 -1.94 -24.29
C PRO B 84 38.89 -0.99 -24.57
N GLY B 85 38.58 -0.14 -23.61
CA GLY B 85 37.47 0.79 -23.80
C GLY B 85 36.43 0.78 -22.69
N THR B 86 35.35 1.49 -22.93
CA THR B 86 34.25 1.61 -21.98
C THR B 86 33.42 0.34 -21.87
N PRO B 87 32.73 0.16 -20.73
CA PRO B 87 31.89 -1.03 -20.52
C PRO B 87 30.60 -0.81 -21.32
N PRO B 88 29.86 -1.90 -21.61
CA PRO B 88 28.61 -1.79 -22.37
C PRO B 88 27.47 -1.14 -21.56
N ALA B 89 26.30 -0.99 -22.19
CA ALA B 89 25.16 -0.35 -21.54
C ALA B 89 23.90 -1.21 -21.44
N TYR B 90 23.91 -2.37 -22.09
CA TYR B 90 22.76 -3.27 -22.08
C TYR B 90 23.25 -4.69 -22.31
N VAL B 91 22.58 -5.66 -21.73
CA VAL B 91 22.97 -7.06 -21.92
C VAL B 91 21.71 -7.92 -21.90
N ALA B 92 21.68 -8.94 -22.76
CA ALA B 92 20.53 -9.84 -22.84
C ALA B 92 20.94 -11.27 -23.18
N VAL B 93 20.10 -12.22 -22.80
CA VAL B 93 20.37 -13.64 -23.06
C VAL B 93 19.43 -14.24 -24.11
N ASP B 94 19.98 -15.08 -24.98
CA ASP B 94 19.21 -15.78 -26.01
C ASP B 94 19.26 -17.24 -25.58
N GLU B 95 18.17 -17.74 -24.99
CA GLU B 95 18.13 -19.12 -24.50
C GLU B 95 18.23 -20.20 -25.58
N ALA B 96 17.45 -20.06 -26.65
CA ALA B 96 17.45 -21.04 -27.73
C ALA B 96 18.80 -21.19 -28.43
N ARG B 97 19.48 -20.06 -28.66
CA ARG B 97 20.78 -20.09 -29.34
C ARG B 97 21.95 -20.12 -28.35
N GLN B 98 21.65 -19.95 -27.07
CA GLN B 98 22.68 -19.93 -26.03
C GLN B 98 23.74 -18.89 -26.35
N LEU B 99 23.27 -17.65 -26.47
CA LEU B 99 24.13 -16.51 -26.77
C LEU B 99 23.79 -15.37 -25.80
N VAL B 100 24.69 -14.42 -25.69
CA VAL B 100 24.50 -13.24 -24.85
C VAL B 100 24.78 -12.06 -25.76
N TYR B 101 23.89 -11.06 -25.73
CA TYR B 101 24.05 -9.87 -26.56
C TYR B 101 24.32 -8.66 -25.67
N SER B 102 25.13 -7.73 -26.17
CA SER B 102 25.40 -6.53 -25.39
C SER B 102 25.54 -5.32 -26.31
N ALA B 103 25.20 -4.15 -25.76
CA ALA B 103 25.26 -2.90 -26.51
C ALA B 103 26.28 -1.97 -25.85
N ASN B 104 27.10 -1.30 -26.65
CA ASN B 104 28.06 -0.37 -26.08
C ASN B 104 27.76 1.02 -26.60
N TYR B 105 27.38 1.90 -25.66
CA TYR B 105 27.02 3.28 -25.95
C TYR B 105 28.18 4.07 -26.57
N HIS B 106 29.28 4.14 -25.84
CA HIS B 106 30.45 4.89 -26.28
C HIS B 106 31.16 4.37 -27.54
N LYS B 107 31.18 3.06 -27.73
CA LYS B 107 31.86 2.49 -28.91
C LYS B 107 30.97 2.35 -30.14
N GLY B 108 29.67 2.44 -29.96
CA GLY B 108 28.73 2.32 -31.07
C GLY B 108 28.68 0.91 -31.63
N THR B 109 28.85 -0.06 -30.75
CA THR B 109 28.85 -1.46 -31.16
C THR B 109 27.76 -2.34 -30.58
N ALA B 110 27.55 -3.46 -31.25
CA ALA B 110 26.60 -4.48 -30.83
C ALA B 110 27.48 -5.71 -30.84
N GLU B 111 27.53 -6.44 -29.73
CA GLU B 111 28.36 -7.65 -29.69
C GLU B 111 27.60 -8.89 -29.29
N VAL B 112 28.13 -10.03 -29.71
CA VAL B 112 27.52 -11.31 -29.42
C VAL B 112 28.57 -12.23 -28.80
N LYS B 114 29.03 -16.41 -27.11
CA LYS B 114 28.42 -17.73 -27.00
C LYS B 114 28.56 -18.25 -25.57
N ILE B 115 27.51 -18.89 -25.07
CA ILE B 115 27.51 -19.43 -23.71
C ILE B 115 28.02 -20.87 -23.69
N ALA B 116 29.05 -21.12 -22.87
CA ALA B 116 29.64 -22.45 -22.75
C ALA B 116 28.78 -23.34 -21.87
N ALA B 117 29.19 -24.61 -21.75
CA ALA B 117 28.48 -25.58 -20.94
C ALA B 117 28.27 -25.13 -19.50
N ASP B 118 29.27 -24.46 -18.94
CA ASP B 118 29.19 -24.01 -17.55
C ASP B 118 28.72 -22.57 -17.40
N GLY B 119 28.29 -21.96 -18.49
CA GLY B 119 27.81 -20.59 -18.42
C GLY B 119 28.81 -19.51 -18.81
N ALA B 120 30.07 -19.89 -18.99
CA ALA B 120 31.12 -18.95 -19.36
C ALA B 120 30.91 -18.39 -20.78
N LEU B 121 31.47 -17.23 -21.07
CA LEU B 121 31.30 -16.61 -22.39
C LEU B 121 32.54 -16.52 -23.28
N THR B 122 32.28 -16.52 -24.59
CA THR B 122 33.32 -16.39 -25.61
C THR B 122 32.78 -15.45 -26.70
N LEU B 123 33.55 -14.42 -27.01
CA LEU B 123 33.17 -13.43 -28.02
C LEU B 123 33.09 -14.07 -29.42
N THR B 124 32.05 -13.71 -30.17
CA THR B 124 31.91 -14.25 -31.52
C THR B 124 31.76 -13.18 -32.59
N ASP B 125 31.18 -12.04 -32.22
CA ASP B 125 30.96 -10.98 -33.19
C ASP B 125 30.84 -9.59 -32.57
N THR B 126 31.36 -8.60 -33.28
CA THR B 126 31.27 -7.20 -32.86
C THR B 126 30.93 -6.38 -34.09
N VAL B 127 29.71 -5.86 -34.14
CA VAL B 127 29.26 -5.05 -35.27
C VAL B 127 29.45 -3.58 -34.94
N GLN B 128 30.14 -2.88 -35.84
CA GLN B 128 30.42 -1.46 -35.66
C GLN B 128 29.42 -0.59 -36.40
N HIS B 129 28.93 0.46 -35.73
CA HIS B 129 27.97 1.37 -36.35
C HIS B 129 28.56 2.78 -36.42
N SER B 130 27.97 3.61 -37.28
CA SER B 130 28.42 4.98 -37.42
C SER B 130 27.23 5.88 -37.67
N GLY B 131 27.42 7.18 -37.45
CA GLY B 131 26.35 8.13 -37.65
C GLY B 131 26.32 9.18 -36.55
N HIS B 132 25.36 10.09 -36.64
CA HIS B 132 25.23 11.14 -35.63
C HIS B 132 23.85 11.78 -35.75
N GLY B 133 23.57 12.72 -34.86
CA GLY B 133 22.28 13.40 -34.85
C GLY B 133 22.43 14.88 -34.51
N PRO B 134 21.34 15.66 -34.54
CA PRO B 134 21.32 17.08 -34.24
C PRO B 134 21.63 17.49 -32.79
N ARG B 135 21.23 16.66 -31.84
CA ARG B 135 21.45 16.97 -30.41
C ARG B 135 22.88 16.78 -29.92
N PRO B 136 23.27 17.55 -28.88
CA PRO B 136 24.62 17.48 -28.29
C PRO B 136 25.04 16.07 -27.92
N GLU B 137 24.08 15.27 -27.45
CA GLU B 137 24.33 13.90 -27.05
C GLU B 137 24.61 12.97 -28.24
N GLN B 138 24.23 13.42 -29.43
CA GLN B 138 24.38 12.59 -30.63
C GLN B 138 25.63 12.91 -31.45
N ASP B 139 26.78 12.88 -30.79
CA ASP B 139 28.07 13.17 -31.41
C ASP B 139 28.58 12.00 -32.25
N GLY B 140 28.00 10.83 -32.05
CA GLY B 140 28.42 9.65 -32.79
C GLY B 140 27.47 8.51 -32.51
N SER B 141 27.75 7.34 -33.06
CA SER B 141 26.89 6.20 -32.84
C SER B 141 26.89 5.80 -31.37
N HIS B 142 25.70 5.55 -30.84
CA HIS B 142 25.55 5.14 -29.44
C HIS B 142 24.52 4.03 -29.35
N ILE B 143 24.97 2.79 -29.30
CA ILE B 143 24.06 1.65 -29.21
C ILE B 143 23.60 1.48 -27.76
N HIS B 144 22.29 1.37 -27.56
CA HIS B 144 21.75 1.26 -26.21
C HIS B 144 20.84 0.07 -25.95
N TYR B 145 20.58 -0.73 -26.98
CA TYR B 145 19.68 -1.87 -26.82
C TYR B 145 19.97 -2.93 -27.87
N THR B 146 20.01 -4.18 -27.42
CA THR B 146 20.24 -5.34 -28.29
C THR B 146 19.42 -6.48 -27.71
N ASP B 147 18.23 -6.72 -28.27
CA ASP B 147 17.40 -7.80 -27.78
C ASP B 147 16.51 -8.38 -28.87
N LEU B 148 16.02 -9.59 -28.62
CA LEU B 148 15.21 -10.34 -29.57
C LEU B 148 13.84 -9.79 -29.96
N THR B 149 13.50 -9.98 -31.23
CA THR B 149 12.21 -9.58 -31.77
C THR B 149 11.33 -10.82 -31.64
N PRO B 150 10.01 -10.68 -31.89
CA PRO B 150 9.10 -11.83 -31.78
C PRO B 150 9.47 -13.01 -32.67
N ASP B 151 10.06 -12.73 -33.83
CA ASP B 151 10.45 -13.80 -34.74
C ASP B 151 11.94 -14.12 -34.66
N ASN B 152 12.50 -13.87 -33.48
CA ASN B 152 13.89 -14.15 -33.17
C ASN B 152 15.03 -13.46 -33.91
N ARG B 153 14.79 -12.25 -34.41
CA ARG B 153 15.85 -11.49 -35.05
C ARG B 153 16.33 -10.61 -33.91
N LEU B 154 17.32 -9.76 -34.14
CA LEU B 154 17.82 -8.90 -33.07
C LEU B 154 17.60 -7.43 -33.38
N ALA B 155 16.89 -6.74 -32.50
CA ALA B 155 16.65 -5.31 -32.66
C ALA B 155 17.81 -4.60 -31.97
N VAL B 156 18.44 -3.66 -32.68
CA VAL B 156 19.57 -2.90 -32.17
C VAL B 156 19.25 -1.42 -32.30
N ILE B 157 19.25 -0.69 -31.19
CA ILE B 157 18.91 0.73 -31.19
C ILE B 157 20.11 1.67 -31.07
N ASP B 158 20.23 2.58 -32.02
CA ASP B 158 21.33 3.56 -32.01
C ASP B 158 20.76 4.93 -31.63
N LEU B 159 20.99 5.32 -30.38
CA LEU B 159 20.52 6.59 -29.86
C LEU B 159 21.20 7.76 -30.54
N GLY B 160 22.46 7.56 -30.92
CA GLY B 160 23.24 8.61 -31.56
C GLY B 160 22.88 8.94 -32.99
N SER B 161 22.39 7.95 -33.74
CA SER B 161 22.03 8.18 -35.14
C SER B 161 20.53 8.16 -35.40
N ASP B 162 19.73 7.99 -34.35
CA ASP B 162 18.28 7.94 -34.48
C ASP B 162 17.87 6.80 -35.40
N LYS B 163 18.47 5.63 -35.20
CA LYS B 163 18.18 4.47 -36.02
C LYS B 163 17.85 3.21 -35.22
N VAL B 164 17.03 2.34 -35.82
CA VAL B 164 16.69 1.07 -35.22
C VAL B 164 17.02 0.00 -36.25
N TYR B 165 18.04 -0.79 -35.94
CA TYR B 165 18.48 -1.86 -36.82
C TYR B 165 17.84 -3.18 -36.44
N VAL B 166 17.64 -4.04 -37.44
CA VAL B 166 17.14 -5.38 -37.17
C VAL B 166 18.17 -6.30 -37.82
N TYR B 167 18.73 -7.21 -37.04
CA TYR B 167 19.72 -8.13 -37.53
C TYR B 167 19.27 -9.58 -37.45
N ASN B 168 19.70 -10.39 -38.41
CA ASN B 168 19.38 -11.81 -38.38
C ASN B 168 20.54 -12.38 -37.58
N VAL B 169 20.29 -13.42 -36.80
CA VAL B 169 21.31 -14.04 -35.96
C VAL B 169 21.53 -15.50 -36.34
N SER B 170 22.79 -15.88 -36.51
CA SER B 170 23.12 -17.26 -36.88
C SER B 170 23.45 -18.07 -35.62
N ASP B 171 23.48 -19.39 -35.76
CA ASP B 171 23.80 -20.24 -34.61
C ASP B 171 25.19 -19.99 -34.05
N ALA B 172 26.11 -19.58 -34.93
CA ALA B 172 27.48 -19.32 -34.49
C ALA B 172 27.62 -17.96 -33.84
N GLY B 173 26.50 -17.26 -33.68
CA GLY B 173 26.54 -15.95 -33.04
C GLY B 173 26.96 -14.80 -33.94
N GLN B 174 26.56 -14.83 -35.20
CA GLN B 174 26.90 -13.76 -36.14
C GLN B 174 25.68 -12.93 -36.49
N LEU B 175 25.85 -11.62 -36.52
CA LEU B 175 24.77 -10.70 -36.87
C LEU B 175 24.89 -10.28 -38.33
N SER B 176 23.75 -10.20 -39.01
CA SER B 176 23.71 -9.78 -40.41
C SER B 176 22.46 -8.91 -40.59
N GLU B 177 22.67 -7.68 -41.06
CA GLU B 177 21.58 -6.71 -41.22
C GLU B 177 20.39 -7.17 -42.06
N GLN B 178 19.19 -6.89 -41.56
CA GLN B 178 17.94 -7.24 -42.22
C GLN B 178 17.20 -5.97 -42.65
N SER B 179 17.26 -4.93 -41.81
CA SER B 179 16.60 -3.66 -42.12
C SER B 179 17.10 -2.56 -41.20
N VAL B 180 16.86 -1.30 -41.59
CA VAL B 180 17.28 -0.15 -40.80
C VAL B 180 16.21 0.93 -40.86
N LEU B 181 15.67 1.29 -39.70
CA LEU B 181 14.63 2.31 -39.62
C LEU B 181 15.25 3.60 -39.11
N THR B 182 14.88 4.72 -39.72
CA THR B 182 15.38 6.01 -39.27
C THR B 182 14.25 6.81 -38.64
N GLU B 184 12.70 10.33 -36.57
CA GLU B 184 12.82 11.77 -36.73
C GLU B 184 14.09 12.23 -36.03
N ALA B 185 14.79 13.16 -36.65
CA ALA B 185 16.04 13.69 -36.08
C ALA B 185 15.84 14.24 -34.67
N GLY B 186 16.68 13.79 -33.75
CA GLY B 186 16.57 14.27 -32.38
C GLY B 186 15.73 13.41 -31.45
N PHE B 187 15.07 12.40 -32.01
CA PHE B 187 14.24 11.50 -31.21
C PHE B 187 15.07 10.88 -30.07
N GLY B 188 16.24 10.36 -30.44
CA GLY B 188 17.12 9.74 -29.46
C GLY B 188 16.59 8.41 -28.93
N PRO B 189 16.27 7.45 -29.82
CA PRO B 189 15.74 6.14 -29.40
C PRO B 189 16.68 5.44 -28.41
N ARG B 190 16.10 4.82 -27.39
CA ARG B 190 16.89 4.16 -26.34
C ARG B 190 16.57 2.68 -26.19
N HIS B 191 15.36 2.38 -25.73
CA HIS B 191 14.90 1.01 -25.53
C HIS B 191 13.54 0.82 -26.20
N LEU B 192 13.15 -0.43 -26.42
CA LEU B 192 11.85 -0.72 -27.02
C LEU B 192 11.30 -1.99 -26.38
N VAL B 193 10.02 -2.26 -26.64
CA VAL B 193 9.37 -3.47 -26.13
C VAL B 193 8.31 -3.88 -27.15
N PHE B 194 8.20 -5.18 -27.40
CA PHE B 194 7.22 -5.71 -28.35
C PHE B 194 5.90 -6.14 -27.71
N SER B 195 4.82 -6.06 -28.49
CA SER B 195 3.52 -6.48 -28.01
C SER B 195 3.54 -8.00 -27.99
N PRO B 196 2.67 -8.62 -27.18
CA PRO B 196 2.64 -10.09 -27.12
C PRO B 196 2.34 -10.80 -28.44
N ASP B 197 1.52 -10.20 -29.28
CA ASP B 197 1.21 -10.83 -30.56
C ASP B 197 2.31 -10.54 -31.58
N GLY B 198 3.31 -9.78 -31.14
CA GLY B 198 4.45 -9.45 -31.99
C GLY B 198 4.24 -8.50 -33.15
N GLN B 199 3.05 -7.91 -33.25
CA GLN B 199 2.78 -7.00 -34.36
C GLN B 199 3.19 -5.55 -34.14
N TYR B 200 3.41 -5.18 -32.87
CA TYR B 200 3.79 -3.82 -32.54
C TYR B 200 5.00 -3.75 -31.61
N ALA B 201 5.69 -2.62 -31.64
CA ALA B 201 6.83 -2.36 -30.76
C ALA B 201 6.66 -0.92 -30.29
N PHE B 202 7.03 -0.65 -29.05
CA PHE B 202 6.92 0.69 -28.51
C PHE B 202 8.34 1.14 -28.21
N LEU B 203 8.73 2.23 -28.85
CA LEU B 203 10.08 2.76 -28.77
C LEU B 203 10.21 4.02 -27.92
N ALA B 204 11.02 3.97 -26.88
CA ALA B 204 11.22 5.12 -26.00
C ALA B 204 12.30 6.04 -26.55
N GLY B 205 11.95 7.31 -26.71
CA GLY B 205 12.90 8.29 -27.20
C GLY B 205 13.40 9.07 -25.99
N GLU B 206 14.63 8.80 -25.58
CA GLU B 206 15.20 9.46 -24.41
C GLU B 206 15.34 10.98 -24.53
N LEU B 207 15.99 11.43 -25.59
CA LEU B 207 16.24 12.85 -25.78
C LEU B 207 15.02 13.73 -26.05
N SER B 208 14.00 13.18 -26.70
CA SER B 208 12.81 13.96 -27.02
C SER B 208 11.65 13.70 -26.06
N SER B 209 11.85 12.75 -25.14
CA SER B 209 10.82 12.39 -24.16
C SER B 209 9.53 12.01 -24.86
N GLN B 210 9.63 11.03 -25.77
CA GLN B 210 8.48 10.56 -26.53
C GLN B 210 8.51 9.03 -26.63
N ILE B 211 7.40 8.47 -27.07
CA ILE B 211 7.31 7.04 -27.30
C ILE B 211 6.69 6.93 -28.67
N ALA B 212 7.35 6.20 -29.56
CA ALA B 212 6.83 6.03 -30.90
C ALA B 212 6.23 4.65 -31.00
N SER B 213 5.02 4.55 -31.54
CA SER B 213 4.37 3.26 -31.72
C SER B 213 4.80 2.81 -33.11
N LEU B 214 5.30 1.59 -33.21
CA LEU B 214 5.78 1.05 -34.47
C LEU B 214 5.05 -0.22 -34.87
N LYS B 215 4.86 -0.40 -36.19
CA LYS B 215 4.25 -1.61 -36.70
C LYS B 215 5.40 -2.46 -37.19
N TYR B 216 5.49 -3.68 -36.67
CA TYR B 216 6.56 -4.60 -37.07
C TYR B 216 6.01 -5.65 -38.02
N ASP B 217 6.72 -5.90 -39.11
CA ASP B 217 6.32 -6.89 -40.10
C ASP B 217 7.30 -8.05 -40.01
N THR B 218 6.83 -9.20 -39.57
CA THR B 218 7.70 -10.36 -39.42
C THR B 218 8.24 -10.91 -40.74
N GLN B 219 7.56 -10.64 -41.85
CA GLN B 219 8.02 -11.15 -43.14
C GLN B 219 9.23 -10.35 -43.66
N THR B 220 9.23 -9.05 -43.41
CA THR B 220 10.34 -8.21 -43.85
C THR B 220 11.30 -7.87 -42.72
N GLY B 221 10.93 -8.22 -41.50
CA GLY B 221 11.78 -7.93 -40.36
C GLY B 221 12.04 -6.44 -40.30
N ALA B 222 11.01 -5.64 -40.59
CA ALA B 222 11.13 -4.19 -40.62
C ALA B 222 10.01 -3.45 -39.88
N PHE B 223 10.19 -2.13 -39.73
CA PHE B 223 9.24 -1.26 -39.01
C PHE B 223 8.74 -0.06 -39.81
N THR B 224 7.73 0.58 -39.23
CA THR B 224 7.17 1.84 -39.74
C THR B 224 6.41 2.45 -38.56
N GLN B 225 6.61 3.73 -38.34
CA GLN B 225 5.97 4.45 -37.25
C GLN B 225 4.48 4.67 -37.48
N LEU B 226 3.69 4.39 -36.44
CA LEU B 226 2.24 4.55 -36.49
C LEU B 226 1.82 5.85 -35.80
N GLY B 227 2.54 6.18 -34.73
CA GLY B 227 2.22 7.39 -33.99
C GLY B 227 3.30 7.70 -32.97
N ILE B 228 3.16 8.86 -32.33
CA ILE B 228 4.14 9.29 -31.34
C ILE B 228 3.48 10.16 -30.28
N VAL B 229 3.82 9.92 -29.02
CA VAL B 229 3.27 10.68 -27.90
C VAL B 229 4.39 11.14 -26.97
N LYS B 230 4.12 12.19 -26.19
CA LYS B 230 5.10 12.71 -25.24
C LYS B 230 4.97 11.90 -23.95
N THR B 231 6.06 11.77 -23.19
CA THR B 231 6.03 11.02 -21.94
C THR B 231 5.89 11.94 -20.72
N ILE B 232 5.87 13.25 -21.00
CA ILE B 232 5.74 14.26 -19.95
C ILE B 232 4.85 15.38 -20.47
N PRO B 233 4.37 16.27 -19.58
CA PRO B 233 3.51 17.38 -20.00
C PRO B 233 4.23 18.22 -21.03
N ALA B 234 3.53 18.62 -22.09
CA ALA B 234 4.14 19.43 -23.14
C ALA B 234 4.57 20.77 -22.54
N ASP B 235 4.13 21.01 -21.32
CA ASP B 235 4.39 22.23 -20.56
C ASP B 235 5.75 22.22 -19.86
N TYR B 236 6.27 21.03 -19.57
CA TYR B 236 7.54 20.88 -18.87
C TYR B 236 8.75 21.29 -19.70
N THR B 237 9.52 22.26 -19.21
CA THR B 237 10.70 22.75 -19.92
C THR B 237 12.04 22.38 -19.30
N ALA B 238 12.03 21.83 -18.09
CA ALA B 238 13.26 21.44 -17.44
C ALA B 238 13.76 20.12 -18.04
N HIS B 239 14.95 19.69 -17.65
CA HIS B 239 15.54 18.46 -18.18
C HIS B 239 14.71 17.20 -17.96
N ASN B 240 14.70 16.34 -18.97
CA ASN B 240 14.03 15.06 -18.87
C ASN B 240 14.55 14.09 -19.91
N GLY B 241 14.80 12.87 -19.46
CA GLY B 241 15.28 11.85 -20.36
C GLY B 241 14.51 10.57 -20.09
N ALA B 242 13.69 10.13 -21.04
CA ALA B 242 12.94 8.89 -20.86
C ALA B 242 13.98 7.78 -20.74
N ALA B 243 13.67 6.72 -20.00
CA ALA B 243 14.63 5.63 -19.82
C ALA B 243 14.10 4.25 -20.15
N ALA B 244 13.48 3.60 -19.17
CA ALA B 244 12.96 2.25 -19.36
C ALA B 244 11.52 2.21 -19.88
N ILE B 245 11.17 1.13 -20.58
CA ILE B 245 9.82 0.98 -21.12
C ILE B 245 9.40 -0.48 -20.93
N ARG B 246 8.21 -0.67 -20.37
CA ARG B 246 7.67 -2.01 -20.10
C ARG B 246 6.23 -2.14 -20.58
N LEU B 247 5.84 -3.35 -20.94
CA LEU B 247 4.49 -3.64 -21.42
C LEU B 247 3.90 -4.78 -20.61
N SER B 248 2.66 -4.63 -20.16
CA SER B 248 2.04 -5.71 -19.39
C SER B 248 1.91 -6.92 -20.31
N HIS B 249 1.90 -8.12 -19.73
CA HIS B 249 1.80 -9.36 -20.48
C HIS B 249 0.59 -9.43 -21.43
N ASP B 250 -0.53 -8.86 -21.01
CA ASP B 250 -1.74 -8.87 -21.83
C ASP B 250 -1.66 -7.85 -22.96
N GLY B 251 -0.60 -7.04 -22.95
CA GLY B 251 -0.39 -6.04 -23.98
C GLY B 251 -1.27 -4.79 -23.91
N HIS B 252 -2.03 -4.66 -22.83
CA HIS B 252 -2.93 -3.53 -22.68
C HIS B 252 -2.37 -2.25 -22.06
N PHE B 253 -1.32 -2.37 -21.26
CA PHE B 253 -0.76 -1.18 -20.63
C PHE B 253 0.76 -1.04 -20.81
N LEU B 254 1.17 0.19 -21.14
CA LEU B 254 2.57 0.51 -21.37
C LEU B 254 3.08 1.46 -20.28
N TYR B 255 4.29 1.20 -19.80
CA TYR B 255 4.89 2.01 -18.75
C TYR B 255 6.25 2.54 -19.19
N VAL B 256 6.56 3.79 -18.85
CA VAL B 256 7.86 4.37 -19.20
C VAL B 256 8.31 5.25 -18.02
N SER B 257 9.61 5.29 -17.79
CA SER B 257 10.14 6.10 -16.69
C SER B 257 10.80 7.38 -17.21
N ASN B 258 10.68 8.46 -16.43
CA ASN B 258 11.21 9.76 -16.79
C ASN B 258 12.24 10.27 -15.79
N ARG B 259 13.46 10.52 -16.26
CA ARG B 259 14.51 11.04 -15.39
C ARG B 259 14.47 12.57 -15.52
N GLY B 260 14.11 13.24 -14.44
CA GLY B 260 14.00 14.69 -14.46
C GLY B 260 12.62 14.99 -13.92
N TYR B 261 11.61 14.60 -14.68
CA TYR B 261 10.23 14.80 -14.25
C TYR B 261 10.02 13.81 -13.10
N ASN B 262 10.81 12.73 -13.13
CA ASN B 262 10.80 11.68 -12.11
C ASN B 262 9.45 11.01 -11.84
N THR B 263 8.94 10.32 -12.86
CA THR B 263 7.68 9.62 -12.75
C THR B 263 7.68 8.41 -13.65
N LEU B 264 6.64 7.61 -13.49
CA LEU B 264 6.40 6.47 -14.35
C LEU B 264 5.13 6.98 -15.02
N ALA B 265 5.10 6.95 -16.34
CA ALA B 265 3.92 7.40 -17.07
C ALA B 265 3.25 6.13 -17.57
N VAL B 266 1.94 6.05 -17.39
CA VAL B 266 1.18 4.87 -17.79
C VAL B 266 0.28 5.16 -18.98
N PHE B 267 0.35 4.31 -20.00
CA PHE B 267 -0.47 4.47 -21.20
C PHE B 267 -1.33 3.24 -21.48
N ALA B 268 -2.55 3.49 -21.93
CA ALA B 268 -3.45 2.40 -22.31
C ALA B 268 -3.15 2.23 -23.80
N VAL B 269 -2.95 0.98 -24.22
CA VAL B 269 -2.65 0.69 -25.62
C VAL B 269 -3.95 0.43 -26.37
N THR B 270 -4.16 1.15 -27.48
CA THR B 270 -5.38 0.97 -28.26
C THR B 270 -5.30 -0.22 -29.20
N ALA B 271 -6.43 -0.52 -29.85
CA ALA B 271 -6.52 -1.65 -30.78
C ALA B 271 -5.58 -1.55 -31.98
N ASP B 272 -5.23 -0.34 -32.40
CA ASP B 272 -4.33 -0.20 -33.54
C ASP B 272 -2.94 0.28 -33.16
N GLY B 273 -2.56 0.05 -31.90
CA GLY B 273 -1.24 0.42 -31.44
C GLY B 273 -0.97 1.82 -30.95
N HIS B 274 -2.00 2.67 -30.87
CA HIS B 274 -1.79 4.03 -30.39
C HIS B 274 -1.81 4.04 -28.85
N LEU B 275 -1.34 5.13 -28.27
CA LEU B 275 -1.26 5.22 -26.82
C LEU B 275 -2.04 6.38 -26.22
N THR B 276 -2.67 6.12 -25.08
CA THR B 276 -3.44 7.12 -24.37
C THR B 276 -2.93 7.20 -22.93
N LEU B 277 -2.46 8.37 -22.53
CA LEU B 277 -1.93 8.57 -21.18
C LEU B 277 -3.04 8.45 -20.14
N ILE B 278 -2.83 7.64 -19.11
CA ILE B 278 -3.83 7.50 -18.07
C ILE B 278 -3.30 7.81 -16.67
N GLN B 279 -1.97 7.91 -16.54
CA GLN B 279 -1.39 8.23 -15.23
C GLN B 279 0.06 8.65 -15.24
N GLN B 280 0.39 9.55 -14.31
CA GLN B 280 1.76 10.05 -14.10
C GLN B 280 1.91 9.88 -12.59
N ILE B 281 2.92 9.13 -12.17
CA ILE B 281 3.10 8.91 -10.74
C ILE B 281 4.56 9.05 -10.33
N SER B 282 4.80 9.82 -9.28
CA SER B 282 6.14 10.06 -8.77
C SER B 282 6.86 8.76 -8.44
N THR B 283 8.16 8.72 -8.69
CA THR B 283 8.95 7.54 -8.35
C THR B 283 9.53 7.72 -6.95
N GLU B 284 9.14 8.82 -6.31
CA GLU B 284 9.60 9.13 -4.95
C GLU B 284 11.12 9.14 -4.85
N GLY B 285 11.76 9.74 -5.85
CA GLY B 285 13.21 9.81 -5.86
C GLY B 285 13.65 10.55 -7.10
N ASP B 286 14.96 10.66 -7.30
CA ASP B 286 15.49 11.36 -8.46
C ASP B 286 16.14 10.40 -9.45
N PHE B 287 15.76 10.54 -10.72
CA PHE B 287 16.28 9.75 -11.83
C PHE B 287 15.98 8.25 -11.90
N PRO B 288 14.72 7.88 -12.19
CA PRO B 288 14.32 6.46 -12.30
C PRO B 288 14.79 5.89 -13.63
N ARG B 289 16.00 5.34 -13.64
CA ARG B 289 16.59 4.78 -14.86
C ARG B 289 16.03 3.40 -15.22
N ASP B 290 15.49 2.69 -14.25
CA ASP B 290 14.92 1.37 -14.54
C ASP B 290 13.84 0.97 -13.55
N PHE B 291 12.95 0.10 -14.02
CA PHE B 291 11.85 -0.42 -13.21
C PHE B 291 11.29 -1.60 -13.97
N ASP B 292 10.42 -2.36 -13.32
CA ASP B 292 9.81 -3.49 -14.00
C ASP B 292 8.64 -3.99 -13.17
N LEU B 293 7.72 -4.70 -13.84
CA LEU B 293 6.58 -5.28 -13.17
C LEU B 293 7.11 -6.59 -12.62
N ASP B 294 6.55 -7.07 -11.52
CA ASP B 294 7.01 -8.32 -10.95
C ASP B 294 6.40 -9.45 -11.78
N PRO B 295 6.81 -10.70 -11.54
CA PRO B 295 6.26 -11.84 -12.31
C PRO B 295 4.74 -11.97 -12.26
N THR B 296 4.12 -11.60 -11.15
CA THR B 296 2.67 -11.70 -11.03
C THR B 296 2.01 -10.50 -11.70
N GLU B 297 2.81 -9.47 -11.94
CA GLU B 297 2.36 -8.23 -12.55
C GLU B 297 1.37 -7.45 -11.69
N ALA B 298 1.33 -7.77 -10.40
CA ALA B 298 0.46 -7.07 -9.47
C ALA B 298 1.28 -6.00 -8.74
N PHE B 299 2.56 -5.91 -9.10
CA PHE B 299 3.47 -4.96 -8.47
C PHE B 299 4.47 -4.39 -9.46
N VAL B 300 5.03 -3.23 -9.11
CA VAL B 300 6.06 -2.58 -9.91
C VAL B 300 7.12 -2.06 -8.95
N VAL B 301 8.38 -2.27 -9.30
CA VAL B 301 9.49 -1.79 -8.48
C VAL B 301 10.35 -0.89 -9.34
N VAL B 302 10.65 0.30 -8.83
CA VAL B 302 11.48 1.25 -9.58
C VAL B 302 12.66 1.66 -8.69
N VAL B 303 13.80 1.93 -9.31
CA VAL B 303 14.98 2.37 -8.54
C VAL B 303 15.36 3.76 -9.03
N ASN B 304 15.72 4.62 -8.08
CA ASN B 304 16.13 5.98 -8.38
C ASN B 304 17.65 6.09 -8.25
N GLN B 305 18.29 6.42 -9.36
CA GLN B 305 19.75 6.52 -9.44
C GLN B 305 20.43 7.52 -8.52
N ASN B 306 19.90 8.74 -8.45
CA ASN B 306 20.52 9.79 -7.67
C ASN B 306 20.21 9.85 -6.17
N THR B 307 19.13 9.22 -5.74
CA THR B 307 18.76 9.25 -4.34
C THR B 307 18.91 7.92 -3.61
N ASP B 308 19.52 6.93 -4.28
CA ASP B 308 19.77 5.61 -3.71
C ASP B 308 18.56 4.96 -3.07
N ASN B 309 17.39 5.11 -3.69
CA ASN B 309 16.20 4.49 -3.12
C ASN B 309 15.32 3.81 -4.15
N ALA B 310 14.60 2.79 -3.72
CA ALA B 310 13.70 2.07 -4.61
C ALA B 310 12.29 2.28 -4.10
N THR B 311 11.31 2.14 -4.98
CA THR B 311 9.91 2.34 -4.63
C THR B 311 9.07 1.16 -5.08
N LEU B 312 8.09 0.78 -4.26
CA LEU B 312 7.21 -0.34 -4.57
C LEU B 312 5.77 0.14 -4.78
N TYR B 313 5.16 -0.28 -5.89
CA TYR B 313 3.79 0.10 -6.17
C TYR B 313 2.93 -1.13 -6.34
N ALA B 314 1.64 -0.98 -6.09
CA ALA B 314 0.69 -2.05 -6.30
C ALA B 314 0.19 -1.71 -7.71
N ARG B 315 -0.07 -2.72 -8.52
CA ARG B 315 -0.56 -2.46 -9.86
C ARG B 315 -1.94 -3.09 -10.04
N ASP B 316 -2.91 -2.30 -10.44
CA ASP B 316 -4.27 -2.79 -10.65
C ASP B 316 -4.28 -3.53 -11.98
N LEU B 317 -4.66 -4.81 -11.95
CA LEU B 317 -4.67 -5.65 -13.15
C LEU B 317 -5.67 -5.21 -14.22
N THR B 318 -6.77 -4.62 -13.78
CA THR B 318 -7.83 -4.18 -14.68
C THR B 318 -7.65 -2.77 -15.24
N SER B 319 -7.24 -1.83 -14.39
CA SER B 319 -7.06 -0.44 -14.82
C SER B 319 -5.64 -0.13 -15.24
N GLY B 320 -4.70 -0.98 -14.80
CA GLY B 320 -3.30 -0.78 -15.12
C GLY B 320 -2.62 0.32 -14.31
N LYS B 321 -3.40 1.03 -13.48
CA LYS B 321 -2.84 2.12 -12.68
C LYS B 321 -2.03 1.67 -11.48
N LEU B 322 -1.13 2.53 -11.05
CA LEU B 322 -0.24 2.23 -9.92
C LEU B 322 -0.59 3.02 -8.68
N SER B 323 -0.28 2.44 -7.52
CA SER B 323 -0.52 3.10 -6.24
C SER B 323 0.63 2.76 -5.31
N LEU B 324 1.13 3.77 -4.62
CA LEU B 324 2.26 3.62 -3.70
C LEU B 324 2.04 2.62 -2.57
N LEU B 325 3.06 1.81 -2.31
CA LEU B 325 3.03 0.82 -1.24
C LEU B 325 4.19 1.09 -0.28
N GLN B 326 5.37 1.35 -0.84
CA GLN B 326 6.54 1.60 -0.02
C GLN B 326 7.59 2.42 -0.78
N LYS B 327 8.28 3.29 -0.04
CA LYS B 327 9.32 4.12 -0.65
C LYS B 327 10.55 4.13 0.24
N ASP B 328 11.60 4.79 -0.25
CA ASP B 328 12.85 4.92 0.47
C ASP B 328 13.53 3.63 0.89
N VAL B 329 13.42 2.61 0.04
CA VAL B 329 14.10 1.34 0.30
C VAL B 329 15.50 1.59 -0.25
N THR B 330 16.50 1.48 0.61
CA THR B 330 17.86 1.76 0.19
C THR B 330 18.51 0.77 -0.79
N VAL B 331 18.83 1.28 -1.97
CA VAL B 331 19.52 0.52 -3.01
C VAL B 331 20.50 1.57 -3.55
N PRO B 332 21.78 1.43 -3.18
CA PRO B 332 22.80 2.38 -3.62
C PRO B 332 23.05 2.48 -5.13
N GLU B 333 22.91 3.70 -5.65
CA GLU B 333 23.17 3.98 -7.07
C GLU B 333 22.45 3.01 -8.02
N GLY B 334 21.27 2.56 -7.64
CA GLY B 334 20.52 1.62 -8.47
C GLY B 334 20.12 2.11 -9.85
N VAL B 335 20.40 1.29 -10.87
CA VAL B 335 20.04 1.65 -12.24
C VAL B 335 19.50 0.48 -13.06
N CYS B 336 19.30 -0.68 -12.44
CA CYS B 336 18.73 -1.83 -13.15
C CYS B 336 17.91 -2.69 -12.20
N VAL B 337 16.72 -3.06 -12.62
CA VAL B 337 15.83 -3.91 -11.82
C VAL B 337 15.67 -5.22 -12.59
N ARG B 338 16.13 -6.30 -11.98
CA ARG B 338 16.05 -7.62 -12.61
C ARG B 338 15.41 -8.66 -11.70
N PHE B 339 14.13 -8.94 -11.97
CA PHE B 339 13.40 -9.95 -11.21
C PHE B 339 13.82 -11.31 -11.71
N LEU B 340 13.88 -12.28 -10.81
CA LEU B 340 14.15 -13.63 -11.24
C LEU B 340 12.79 -14.04 -11.82
N GLU B 341 12.76 -15.01 -12.72
CA GLU B 341 11.48 -15.41 -13.29
C GLU B 341 11.44 -16.86 -13.65
#